data_3K4A
#
_entry.id   3K4A
#
_cell.length_a   168.997
_cell.length_b   77.258
_cell.length_c   126.583
_cell.angle_alpha   90.00
_cell.angle_beta   125.02
_cell.angle_gamma   90.00
#
_symmetry.space_group_name_H-M   'C 1 2 1'
#
loop_
_entity.id
_entity.type
_entity.pdbx_description
1 polymer Beta-glucuronidase
2 water water
#
_entity_poly.entity_id   1
_entity_poly.type   'polypeptide(L)'
_entity_poly.pdbx_seq_one_letter_code
;SH(MSE)LRPVETPTREIKKLDGLWAFSLDRENCGIDQRWWESALQESRAIAVPGSFNDQFADADIRNYVGNVWYQREVF
IPKGWAGQRIVLRFDAVTHYGKVWVNNQEV(MSE)EHQGGYTPFEADVTPYVIAGKSVRITVCVNNELNWQTIPPG
(MSE)VITDENGKKKQSYFHDFFNYAGIHRSV(MSE)LYTTPNTWVDDITVVTHVAQDCNHASVDWQVVANGDVSVELRD
ADQQVVATGQGTSGTLQVVNPHLWQPGEGYLYELCVTAKSQTECDIYPLRVGIRSVAVKGEQFLINHKPFYFTGFGRHED
ADLRGKGFDNVL(MSE)VHDHAL(MSE)DWIGANSYRTSHYPYAEE(MSE)LDWADEHGIVVIDETAAVGFNLSLGIGFE
AGNKPKELYSEEAVNGETQQAHLQAIKELIARDKNHPSVV(MSE)WSIANEPDTRPQGAREYFAPLAEATRKLDPTRPIT
CVNV(MSE)FCDAHTDTISDLFDVLCLNRYYGWYVQSGDLETAEKVLEKELLAWQEKLHQPIIITEYGVDTLAGLHS
(MSE)YTD(MSE)WSEEYQCAWLD(MSE)YHRVFDRVSAVVGEQVWNFADFATSQGILRVGGNKKGIFTRDRKPKSAAFL
LQKRWTG(MSE)NFGEKPQQGGKQ
;
_entity_poly.pdbx_strand_id   A,B
#
# COMPACT_ATOMS: atom_id res chain seq x y z
N SER A 1 -21.72 5.79 -19.07
CA SER A 1 -23.16 6.08 -19.05
C SER A 1 -23.63 4.95 -18.16
N HIS A 2 -24.00 5.23 -16.93
CA HIS A 2 -24.75 4.19 -16.20
C HIS A 2 -24.17 3.03 -15.42
N LEU A 4 -22.37 0.13 -12.65
CA LEU A 4 -22.43 -0.60 -11.39
C LEU A 4 -21.06 -1.09 -11.06
N ARG A 5 -20.88 -1.53 -9.83
CA ARG A 5 -19.57 -1.89 -9.31
C ARG A 5 -19.24 -3.36 -9.62
N PRO A 6 -18.04 -3.63 -10.18
CA PRO A 6 -17.67 -4.99 -10.43
C PRO A 6 -17.66 -5.75 -9.15
N VAL A 7 -18.61 -6.66 -9.03
CA VAL A 7 -18.67 -7.66 -7.95
C VAL A 7 -18.55 -9.01 -8.61
N GLU A 8 -17.98 -9.98 -7.87
CA GLU A 8 -17.68 -11.27 -8.43
C GLU A 8 -18.82 -12.21 -8.20
N THR A 9 -19.20 -12.84 -9.29
CA THR A 9 -20.34 -13.72 -9.36
C THR A 9 -20.10 -14.62 -10.58
N PRO A 10 -21.17 -15.22 -11.13
CA PRO A 10 -21.11 -15.58 -12.58
C PRO A 10 -20.56 -14.41 -13.49
N THR A 11 -20.51 -13.18 -12.98
CA THR A 11 -19.53 -12.20 -13.45
C THR A 11 -18.20 -12.53 -12.76
N ARG A 12 -17.09 -12.45 -13.47
CA ARG A 12 -15.80 -12.57 -12.81
C ARG A 12 -14.99 -11.35 -13.21
N GLU A 13 -14.03 -10.98 -12.35
CA GLU A 13 -13.17 -9.85 -12.64
C GLU A 13 -11.70 -10.16 -12.36
N ILE A 14 -10.86 -9.66 -13.26
CA ILE A 14 -9.42 -9.75 -13.08
C ILE A 14 -8.86 -8.39 -12.74
N LYS A 15 -8.15 -8.35 -11.63
CA LYS A 15 -7.56 -7.14 -11.11
C LYS A 15 -6.29 -6.95 -11.89
N LYS A 16 -6.12 -5.74 -12.41
CA LYS A 16 -5.00 -5.44 -13.28
C LYS A 16 -4.14 -4.34 -12.70
N LEU A 17 -4.16 -4.27 -11.39
CA LEU A 17 -3.51 -3.18 -10.71
C LEU A 17 -2.20 -3.52 -10.02
N ASP A 18 -1.41 -4.44 -10.55
CA ASP A 18 -0.18 -4.66 -9.82
C ASP A 18 0.62 -3.39 -9.93
N GLY A 19 0.16 -2.50 -10.76
CA GLY A 19 0.75 -1.21 -10.73
C GLY A 19 2.23 -1.27 -10.96
N LEU A 20 2.72 -2.37 -11.51
CA LEU A 20 4.05 -2.32 -12.05
C LEU A 20 3.78 -1.98 -13.49
N TRP A 21 3.96 -0.71 -13.84
CA TRP A 21 3.74 -0.22 -15.19
C TRP A 21 4.87 0.65 -15.61
N ALA A 22 4.97 0.88 -16.90
CA ALA A 22 6.09 1.60 -17.42
C ALA A 22 5.71 3.05 -17.49
N PHE A 23 6.42 3.91 -16.79
CA PHE A 23 5.99 5.28 -16.69
C PHE A 23 6.89 6.13 -17.57
N SER A 24 6.31 7.05 -18.34
CA SER A 24 7.12 8.07 -19.01
C SER A 24 6.50 9.50 -18.94
N LEU A 25 7.38 10.52 -18.93
CA LEU A 25 6.97 11.94 -19.00
C LEU A 25 7.08 12.45 -20.42
N ASP A 26 5.95 12.90 -20.93
CA ASP A 26 5.80 13.31 -22.31
C ASP A 26 6.17 14.78 -22.22
N ARG A 27 7.45 15.02 -21.97
CA ARG A 27 7.87 16.33 -21.53
C ARG A 27 7.61 17.42 -22.59
N GLU A 28 8.02 17.18 -23.83
CA GLU A 28 7.46 17.97 -24.91
C GLU A 28 6.25 17.15 -25.35
N ASN A 29 5.34 17.79 -26.10
CA ASN A 29 3.98 17.26 -26.28
C ASN A 29 3.81 16.39 -27.55
N CYS A 30 4.37 15.18 -27.49
CA CYS A 30 4.57 14.38 -28.69
C CYS A 30 4.14 12.94 -28.57
N GLY A 31 3.95 12.46 -27.34
CA GLY A 31 3.37 11.15 -27.14
C GLY A 31 2.32 10.78 -28.17
N ILE A 32 1.34 11.65 -28.36
CA ILE A 32 0.24 11.41 -29.30
C ILE A 32 0.73 11.51 -30.76
N ASP A 33 1.64 12.45 -30.98
CA ASP A 33 2.28 12.64 -32.28
C ASP A 33 3.01 11.39 -32.80
N GLN A 34 3.94 10.90 -31.99
CA GLN A 34 4.80 9.79 -32.32
C GLN A 34 4.10 8.51 -31.95
N ARG A 35 2.78 8.59 -31.99
CA ARG A 35 1.96 7.44 -31.73
C ARG A 35 2.53 6.50 -30.64
N TRP A 36 2.70 6.98 -29.41
CA TRP A 36 3.38 6.20 -28.38
C TRP A 36 2.60 4.99 -27.93
N TRP A 37 1.30 5.00 -28.15
CA TRP A 37 0.45 3.90 -27.65
C TRP A 37 0.53 2.58 -28.46
N GLU A 38 1.44 2.57 -29.43
CA GLU A 38 1.47 1.58 -30.51
C GLU A 38 2.82 0.86 -30.59
N SER A 39 3.68 1.14 -29.61
CA SER A 39 5.00 0.54 -29.57
C SER A 39 5.47 0.41 -28.12
N ALA A 40 6.72 -0.01 -27.95
CA ALA A 40 7.35 -0.04 -26.63
C ALA A 40 7.59 1.37 -26.10
N LEU A 41 7.06 1.60 -24.91
CA LEU A 41 7.20 2.88 -24.25
C LEU A 41 8.67 3.12 -23.94
N GLN A 42 9.25 4.12 -24.61
CA GLN A 42 10.67 4.44 -24.45
C GLN A 42 10.91 5.02 -23.07
N GLU A 43 12.18 5.01 -22.65
CA GLU A 43 12.60 5.63 -21.37
C GLU A 43 11.71 5.31 -20.17
N SER A 44 10.97 4.20 -20.26
CA SER A 44 9.86 3.98 -19.36
C SER A 44 10.34 3.32 -18.09
N ARG A 45 10.23 4.00 -16.96
CA ARG A 45 10.58 3.41 -15.67
C ARG A 45 9.40 2.69 -15.03
N ALA A 46 9.68 1.99 -13.93
CA ALA A 46 8.64 1.29 -13.15
C ALA A 46 7.91 2.22 -12.13
N ILE A 47 6.57 2.15 -12.14
CA ILE A 47 5.77 2.90 -11.21
C ILE A 47 4.62 2.07 -10.72
N ALA A 48 4.13 2.40 -9.52
CA ALA A 48 3.02 1.73 -8.86
C ALA A 48 1.67 2.27 -9.29
N VAL A 49 0.70 1.37 -9.44
CA VAL A 49 -0.71 1.70 -9.60
C VAL A 49 -1.47 0.66 -8.83
N PRO A 50 -2.48 1.07 -8.04
CA PRO A 50 -2.98 2.43 -7.83
C PRO A 50 -2.01 3.22 -7.03
N GLY A 51 -1.73 4.44 -7.45
CA GLY A 51 -0.96 5.41 -6.69
C GLY A 51 -0.78 6.71 -7.45
N SER A 52 -0.70 7.83 -6.75
CA SER A 52 -0.32 9.08 -7.38
C SER A 52 1.06 8.86 -7.86
N PHE A 53 1.52 9.70 -8.78
CA PHE A 53 2.85 9.53 -9.35
C PHE A 53 3.80 10.63 -8.90
N ASN A 54 3.30 11.59 -8.15
CA ASN A 54 4.10 12.76 -7.90
C ASN A 54 5.17 12.49 -6.92
N ASP A 55 4.83 11.68 -5.94
CA ASP A 55 5.71 11.46 -4.83
C ASP A 55 6.59 10.22 -4.93
N GLN A 56 6.15 9.19 -5.66
CA GLN A 56 6.89 7.90 -5.83
C GLN A 56 8.39 7.98 -6.09
N PHE A 57 8.91 9.07 -6.66
CA PHE A 57 10.30 9.08 -7.16
C PHE A 57 11.26 10.04 -6.46
N ALA A 58 10.78 10.72 -5.44
CA ALA A 58 11.61 11.58 -4.65
C ALA A 58 12.27 12.56 -5.58
N ASP A 59 11.57 12.88 -6.66
CA ASP A 59 12.11 13.83 -7.64
C ASP A 59 11.24 15.08 -7.85
N ALA A 60 11.87 16.24 -7.74
CA ALA A 60 11.16 17.52 -7.72
C ALA A 60 10.47 17.87 -9.04
N ASP A 61 11.18 17.68 -10.15
CA ASP A 61 10.67 18.02 -11.48
C ASP A 61 9.62 17.01 -11.95
N ILE A 62 9.49 15.89 -11.25
CA ILE A 62 8.38 14.99 -11.51
C ILE A 62 7.13 15.38 -10.68
N ARG A 63 7.36 15.99 -9.53
CA ARG A 63 6.30 16.32 -8.62
C ARG A 63 5.53 17.48 -9.19
N ASN A 64 6.24 18.58 -9.41
CA ASN A 64 5.62 19.79 -9.95
C ASN A 64 5.61 19.88 -11.49
N TYR A 65 5.79 18.73 -12.14
CA TYR A 65 5.56 18.59 -13.58
C TYR A 65 4.09 18.80 -13.92
N VAL A 66 3.83 19.34 -15.12
CA VAL A 66 2.44 19.61 -15.50
C VAL A 66 1.75 19.04 -16.78
N GLY A 67 2.47 18.66 -17.83
CA GLY A 67 1.73 18.13 -18.99
C GLY A 67 0.98 16.77 -18.95
N ASN A 68 1.74 15.72 -19.28
CA ASN A 68 1.18 14.42 -19.74
C ASN A 68 2.14 13.36 -19.33
N VAL A 69 1.61 12.17 -19.14
CA VAL A 69 2.40 11.07 -18.66
C VAL A 69 1.74 9.81 -19.19
N TRP A 70 2.52 8.76 -19.36
CA TRP A 70 1.99 7.56 -19.95
C TRP A 70 2.14 6.38 -19.02
N TYR A 71 1.22 5.44 -19.12
CA TYR A 71 1.27 4.20 -18.35
C TYR A 71 1.20 2.98 -19.30
N GLN A 72 2.26 2.17 -19.32
CA GLN A 72 2.35 1.05 -20.25
C GLN A 72 2.35 -0.25 -19.47
N ARG A 73 1.59 -1.24 -19.94
CA ARG A 73 1.43 -2.50 -19.22
C ARG A 73 1.09 -3.63 -20.15
N GLU A 74 1.88 -4.70 -20.07
CA GLU A 74 1.62 -5.93 -20.80
C GLU A 74 0.64 -6.77 -19.93
N VAL A 75 -0.50 -7.21 -20.48
CA VAL A 75 -1.52 -7.97 -19.70
C VAL A 75 -2.11 -9.20 -20.42
N PHE A 76 -2.77 -10.06 -19.65
CA PHE A 76 -3.19 -11.38 -20.14
C PHE A 76 -4.67 -11.67 -20.01
N ILE A 77 -5.36 -11.75 -21.14
CA ILE A 77 -6.78 -12.17 -21.12
C ILE A 77 -7.00 -13.63 -20.82
N PRO A 78 -7.82 -13.91 -19.80
CA PRO A 78 -8.19 -15.28 -19.48
C PRO A 78 -8.73 -16.09 -20.65
N LYS A 79 -8.28 -17.34 -20.73
CA LYS A 79 -8.81 -18.33 -21.65
C LYS A 79 -10.34 -18.47 -21.51
N GLY A 80 -10.81 -18.59 -20.27
CA GLY A 80 -12.18 -18.99 -19.97
C GLY A 80 -13.21 -17.99 -20.45
N TRP A 81 -12.75 -16.77 -20.67
CA TRP A 81 -13.64 -15.72 -21.14
C TRP A 81 -13.80 -16.07 -22.61
N ALA A 82 -14.82 -16.87 -22.89
CA ALA A 82 -14.94 -17.43 -24.20
C ALA A 82 -15.77 -16.49 -25.07
N GLY A 83 -17.09 -16.52 -24.84
CA GLY A 83 -17.99 -15.68 -25.60
C GLY A 83 -18.49 -14.71 -24.59
N GLN A 84 -17.55 -14.11 -23.87
CA GLN A 84 -17.91 -13.20 -22.79
C GLN A 84 -17.80 -11.71 -23.15
N ARG A 85 -18.72 -10.92 -22.59
CA ARG A 85 -18.65 -9.48 -22.66
C ARG A 85 -17.46 -9.10 -21.76
N ILE A 86 -16.33 -8.72 -22.36
CA ILE A 86 -15.14 -8.28 -21.63
C ILE A 86 -14.93 -6.74 -21.63
N VAL A 87 -15.24 -6.13 -20.47
CA VAL A 87 -15.08 -4.67 -20.24
C VAL A 87 -13.86 -4.28 -19.39
N LEU A 88 -13.20 -3.20 -19.79
CA LEU A 88 -12.06 -2.65 -19.06
C LEU A 88 -12.39 -1.31 -18.37
N ARG A 89 -12.36 -1.30 -17.03
CA ARG A 89 -12.55 -0.04 -16.29
C ARG A 89 -11.40 0.42 -15.46
N PHE A 90 -11.40 1.72 -15.23
CA PHE A 90 -10.50 2.37 -14.29
C PHE A 90 -11.43 3.02 -13.30
N ASP A 91 -11.27 2.67 -12.02
CA ASP A 91 -12.04 3.29 -10.94
C ASP A 91 -11.76 4.81 -10.85
N ALA A 92 -10.60 5.27 -11.33
CA ALA A 92 -10.26 6.71 -11.40
C ALA A 92 -8.91 6.94 -12.01
N VAL A 93 -8.83 8.01 -12.78
CA VAL A 93 -7.59 8.53 -13.36
C VAL A 93 -7.85 10.01 -13.22
N THR A 94 -6.89 10.76 -12.70
CA THR A 94 -7.35 11.96 -11.98
C THR A 94 -7.89 13.21 -12.70
N HIS A 95 -7.23 13.64 -13.77
CA HIS A 95 -7.79 14.75 -14.44
C HIS A 95 -8.12 14.40 -15.88
N TYR A 96 -7.38 13.46 -16.44
CA TYR A 96 -7.56 13.08 -17.82
C TYR A 96 -6.87 11.75 -18.12
N GLY A 97 -7.49 10.98 -18.99
CA GLY A 97 -7.00 9.69 -19.41
C GLY A 97 -7.74 9.25 -20.64
N LYS A 98 -6.97 8.91 -21.68
CA LYS A 98 -7.51 8.08 -22.79
C LYS A 98 -6.73 6.79 -22.86
N VAL A 99 -7.47 5.72 -23.06
CA VAL A 99 -6.90 4.41 -23.00
C VAL A 99 -6.81 3.74 -24.37
N TRP A 100 -5.58 3.49 -24.81
CA TRP A 100 -5.36 2.62 -25.97
C TRP A 100 -5.10 1.14 -25.59
N VAL A 101 -6.06 0.25 -25.86
CA VAL A 101 -5.82 -1.21 -25.79
C VAL A 101 -5.22 -1.74 -27.10
N ASN A 102 -3.90 -1.67 -27.22
CA ASN A 102 -3.16 -2.15 -28.38
C ASN A 102 -3.61 -1.44 -29.63
N ASN A 103 -3.40 -0.12 -29.67
CA ASN A 103 -3.66 0.71 -30.87
C ASN A 103 -5.11 0.88 -31.26
N GLN A 104 -6.01 0.52 -30.36
CA GLN A 104 -7.41 0.83 -30.45
C GLN A 104 -7.54 1.79 -29.28
N GLU A 105 -8.09 2.99 -29.52
CA GLU A 105 -8.51 3.81 -28.40
C GLU A 105 -9.90 3.36 -28.02
N VAL A 106 -10.11 3.12 -26.74
CA VAL A 106 -11.41 2.64 -26.30
C VAL A 106 -12.18 3.65 -25.46
N GLU A 108 -11.89 7.61 -23.16
CA GLU A 108 -11.32 8.77 -22.52
C GLU A 108 -12.28 9.31 -21.48
N HIS A 109 -11.73 10.04 -20.51
CA HIS A 109 -12.51 10.57 -19.39
C HIS A 109 -12.07 11.96 -18.94
N GLN A 110 -13.00 12.74 -18.39
CA GLN A 110 -12.67 14.02 -17.72
C GLN A 110 -12.73 14.09 -16.21
N GLY A 111 -13.82 13.65 -15.62
CA GLY A 111 -13.86 13.64 -14.16
C GLY A 111 -12.64 12.96 -13.51
N GLY A 112 -11.95 13.69 -12.65
CA GLY A 112 -10.80 13.15 -11.94
C GLY A 112 -10.90 12.08 -10.86
N TYR A 113 -12.11 11.83 -10.34
CA TYR A 113 -12.31 10.99 -9.17
C TYR A 113 -13.44 9.96 -9.34
N THR A 114 -13.92 9.77 -10.54
CA THR A 114 -15.00 8.81 -10.81
C THR A 114 -14.60 7.79 -11.89
N PRO A 115 -15.23 6.60 -11.86
CA PRO A 115 -14.94 5.54 -12.81
C PRO A 115 -15.32 5.82 -14.26
N PHE A 116 -14.68 5.10 -15.14
CA PHE A 116 -15.00 5.10 -16.55
C PHE A 116 -14.57 3.72 -17.10
N GLU A 117 -15.51 3.02 -17.72
CA GLU A 117 -15.31 1.67 -18.26
C GLU A 117 -15.88 1.67 -19.63
N ALA A 118 -15.18 1.07 -20.59
CA ALA A 118 -15.67 1.15 -21.97
C ALA A 118 -16.28 -0.07 -22.67
N ASP A 119 -15.75 -1.27 -22.46
CA ASP A 119 -15.61 -2.11 -23.67
C ASP A 119 -16.24 -3.54 -23.77
N VAL A 120 -16.59 -3.96 -24.99
CA VAL A 120 -16.86 -5.41 -25.18
C VAL A 120 -15.68 -6.18 -25.86
N THR A 121 -15.88 -7.43 -26.30
CA THR A 121 -14.76 -8.27 -26.82
C THR A 121 -13.94 -7.73 -27.99
N PRO A 122 -14.62 -7.08 -28.96
CA PRO A 122 -14.01 -6.75 -30.25
C PRO A 122 -12.53 -6.43 -30.25
N TYR A 123 -12.05 -5.73 -29.23
CA TYR A 123 -10.68 -5.21 -29.31
C TYR A 123 -9.63 -6.13 -28.68
N VAL A 124 -10.10 -7.21 -28.08
CA VAL A 124 -9.25 -8.29 -27.61
C VAL A 124 -9.88 -9.69 -27.74
N ILE A 125 -9.10 -10.61 -28.31
CA ILE A 125 -9.38 -12.05 -28.27
C ILE A 125 -8.80 -12.65 -27.00
N ALA A 126 -9.59 -13.50 -26.34
CA ALA A 126 -9.19 -14.17 -25.10
C ALA A 126 -7.84 -14.88 -25.20
N GLY A 127 -7.23 -15.18 -24.05
CA GLY A 127 -6.01 -15.97 -24.01
C GLY A 127 -4.72 -15.39 -24.61
N LYS A 128 -4.72 -14.13 -25.04
CA LYS A 128 -3.44 -13.50 -25.47
C LYS A 128 -3.13 -12.20 -24.73
N SER A 129 -1.88 -11.77 -24.82
CA SER A 129 -1.45 -10.56 -24.12
C SER A 129 -1.75 -9.26 -24.84
N VAL A 130 -2.50 -8.37 -24.19
CA VAL A 130 -2.67 -7.04 -24.73
C VAL A 130 -1.75 -6.04 -24.05
N ARG A 131 -1.39 -4.98 -24.77
CA ARG A 131 -0.56 -3.93 -24.24
C ARG A 131 -1.46 -2.71 -24.10
N ILE A 132 -1.69 -2.28 -22.86
CA ILE A 132 -2.56 -1.15 -22.57
C ILE A 132 -1.73 0.13 -22.35
N THR A 133 -2.10 1.18 -23.04
CA THR A 133 -1.45 2.45 -22.81
C THR A 133 -2.48 3.47 -22.30
N VAL A 134 -2.14 4.15 -21.21
CA VAL A 134 -2.97 5.22 -20.66
C VAL A 134 -2.27 6.56 -20.81
N CYS A 135 -2.99 7.54 -21.37
CA CYS A 135 -2.50 8.91 -21.37
C CYS A 135 -3.23 9.63 -20.25
N VAL A 136 -2.47 10.06 -19.24
CA VAL A 136 -3.01 10.81 -18.10
C VAL A 136 -2.54 12.24 -18.18
N ASN A 137 -3.47 13.18 -18.13
CA ASN A 137 -3.11 14.59 -18.13
C ASN A 137 -3.59 15.19 -16.82
N ASN A 138 -2.87 16.20 -16.37
CA ASN A 138 -3.07 16.70 -15.02
C ASN A 138 -3.34 18.23 -15.03
N GLU A 139 -3.74 18.73 -16.19
CA GLU A 139 -4.02 20.15 -16.33
C GLU A 139 -5.44 20.61 -15.86
N LEU A 140 -5.49 21.72 -15.13
CA LEU A 140 -6.74 22.31 -14.80
C LEU A 140 -6.92 23.65 -15.47
N ASN A 141 -8.12 23.86 -16.03
CA ASN A 141 -8.55 25.12 -16.62
C ASN A 141 -9.91 25.51 -16.08
N TRP A 142 -10.53 26.52 -16.71
CA TRP A 142 -11.77 27.10 -16.15
C TRP A 142 -13.02 26.28 -16.36
N GLN A 143 -12.86 25.12 -17.02
CA GLN A 143 -13.95 24.23 -17.40
C GLN A 143 -13.71 22.87 -16.82
N THR A 144 -12.65 22.81 -16.04
CA THR A 144 -12.24 21.58 -15.44
C THR A 144 -12.87 21.55 -14.06
N ILE A 145 -12.91 20.41 -13.42
CA ILE A 145 -13.43 20.30 -12.06
C ILE A 145 -12.48 19.48 -11.19
N PRO A 146 -11.78 20.14 -10.26
CA PRO A 146 -11.72 21.56 -9.91
C PRO A 146 -11.39 22.48 -11.06
N PRO A 147 -11.65 23.76 -10.91
CA PRO A 147 -11.13 24.69 -11.87
C PRO A 147 -9.64 24.94 -11.67
N GLY A 148 -8.98 25.52 -12.67
CA GLY A 148 -7.56 25.83 -12.56
C GLY A 148 -7.20 26.84 -13.62
N VAL A 150 -3.47 27.80 -15.95
CA VAL A 150 -2.06 27.41 -16.19
C VAL A 150 -1.27 28.56 -16.81
N ILE A 151 -0.16 28.84 -16.17
CA ILE A 151 0.77 29.85 -16.60
C ILE A 151 1.86 29.18 -17.42
N THR A 152 2.03 29.69 -18.62
CA THR A 152 3.14 29.35 -19.46
C THR A 152 4.22 30.44 -19.39
N ASP A 153 5.40 30.02 -19.00
CA ASP A 153 6.62 30.79 -18.95
C ASP A 153 6.91 31.36 -20.31
N GLU A 154 7.81 32.33 -20.36
CA GLU A 154 8.41 32.85 -21.63
C GLU A 154 8.80 31.75 -22.63
N ASN A 155 9.03 30.55 -22.13
CA ASN A 155 9.52 29.46 -22.97
C ASN A 155 8.78 28.17 -22.79
N GLY A 156 7.54 28.07 -23.28
CA GLY A 156 6.75 26.80 -23.24
C GLY A 156 6.93 26.00 -21.96
N LYS A 157 7.20 26.73 -20.88
CA LYS A 157 7.35 26.17 -19.56
C LYS A 157 5.93 26.28 -18.96
N LYS A 158 5.35 25.15 -18.57
CA LYS A 158 3.97 25.10 -18.14
C LYS A 158 3.92 24.96 -16.65
N LYS A 159 3.30 25.94 -15.97
CA LYS A 159 3.23 25.92 -14.52
C LYS A 159 1.79 26.15 -14.09
N GLN A 160 1.18 25.08 -13.63
CA GLN A 160 -0.21 25.00 -13.19
C GLN A 160 -0.43 25.72 -11.87
N SER A 161 -1.43 26.58 -11.82
CA SER A 161 -1.89 27.21 -10.58
C SER A 161 -3.35 26.87 -10.34
N TYR A 162 -3.76 26.77 -9.07
CA TYR A 162 -5.15 26.45 -8.75
C TYR A 162 -5.66 27.25 -7.58
N PHE A 163 -6.89 26.99 -7.18
CA PHE A 163 -7.48 27.77 -6.09
C PHE A 163 -7.89 26.92 -4.88
N HIS A 164 -7.60 25.63 -4.93
CA HIS A 164 -7.78 24.84 -3.75
C HIS A 164 -6.53 24.78 -2.89
N ASP A 165 -6.63 24.01 -1.80
CA ASP A 165 -5.66 23.97 -0.73
C ASP A 165 -4.64 22.88 -0.95
N PHE A 166 -5.13 21.64 -0.93
CA PHE A 166 -4.37 20.39 -1.08
C PHE A 166 -3.67 20.29 -2.42
N PHE A 167 -2.50 19.64 -2.42
CA PHE A 167 -1.67 19.42 -3.63
C PHE A 167 -2.37 18.66 -4.80
N ASN A 168 -2.10 19.12 -5.99
CA ASN A 168 -2.73 18.59 -7.15
C ASN A 168 -1.95 17.39 -7.58
N TYR A 169 -2.17 16.29 -6.88
CA TYR A 169 -1.68 14.96 -7.27
C TYR A 169 -2.44 14.30 -8.42
N ALA A 170 -1.71 13.75 -9.36
CA ALA A 170 -2.33 13.17 -10.52
C ALA A 170 -1.70 11.85 -10.92
N GLY A 171 -2.53 10.95 -11.46
CA GLY A 171 -2.10 9.64 -11.96
C GLY A 171 -3.23 8.71 -11.68
N ILE A 172 -3.02 7.43 -11.93
CA ILE A 172 -4.05 6.45 -11.59
C ILE A 172 -4.03 6.28 -10.07
N HIS A 173 -5.10 6.74 -9.45
CA HIS A 173 -5.19 6.76 -8.03
C HIS A 173 -5.87 5.50 -7.55
N ARG A 174 -6.71 4.93 -8.40
CA ARG A 174 -7.49 3.81 -7.94
C ARG A 174 -7.32 2.57 -8.83
N SER A 175 -8.04 1.52 -8.51
CA SER A 175 -7.79 0.31 -9.23
C SER A 175 -8.24 0.35 -10.68
N VAL A 176 -7.47 -0.36 -11.50
CA VAL A 176 -7.82 -0.62 -12.89
C VAL A 176 -7.95 -2.12 -13.01
N LEU A 178 -9.86 -5.40 -15.59
CA LEU A 178 -10.54 -5.95 -16.74
C LEU A 178 -11.62 -6.80 -16.13
N TYR A 179 -12.84 -6.68 -16.59
CA TYR A 179 -13.89 -7.44 -15.97
C TYR A 179 -14.96 -7.85 -16.96
N THR A 180 -15.64 -8.95 -16.67
CA THR A 180 -16.43 -9.58 -17.67
C THR A 180 -17.86 -9.84 -17.24
N THR A 181 -18.80 -9.63 -18.17
CA THR A 181 -20.21 -10.06 -18.02
C THR A 181 -20.74 -10.88 -19.25
N PRO A 182 -21.68 -11.82 -19.02
CA PRO A 182 -22.33 -12.39 -20.20
C PRO A 182 -23.12 -11.36 -21.01
N ASN A 183 -23.45 -11.70 -22.26
CA ASN A 183 -24.16 -10.81 -23.20
C ASN A 183 -25.59 -10.41 -22.80
N THR A 184 -26.11 -11.07 -21.77
CA THR A 184 -27.19 -10.48 -20.99
C THR A 184 -26.50 -10.11 -19.70
N TRP A 185 -26.83 -8.90 -19.19
CA TRP A 185 -26.22 -8.26 -18.00
C TRP A 185 -27.04 -7.04 -17.57
N VAL A 186 -27.54 -7.09 -16.34
CA VAL A 186 -27.93 -5.88 -15.63
C VAL A 186 -26.84 -4.73 -15.77
N ASP A 187 -27.20 -3.63 -16.44
CA ASP A 187 -26.28 -2.51 -16.70
C ASP A 187 -26.31 -1.49 -15.56
N ASP A 188 -27.45 -1.42 -14.88
CA ASP A 188 -27.68 -0.41 -13.89
C ASP A 188 -28.80 -0.88 -13.03
N ILE A 189 -28.93 -0.27 -11.85
CA ILE A 189 -29.96 -0.54 -10.86
C ILE A 189 -30.20 0.82 -10.20
N THR A 190 -31.11 0.85 -9.22
CA THR A 190 -31.44 2.02 -8.41
C THR A 190 -32.39 1.48 -7.38
N VAL A 191 -32.24 1.89 -6.13
CA VAL A 191 -33.06 1.37 -5.03
C VAL A 191 -33.40 2.59 -4.19
N VAL A 192 -34.54 2.56 -3.54
CA VAL A 192 -34.90 3.65 -2.67
C VAL A 192 -35.67 2.98 -1.57
N THR A 193 -35.28 3.17 -0.31
CA THR A 193 -35.79 2.36 0.75
C THR A 193 -36.56 3.22 1.69
N HIS A 194 -37.89 3.20 1.60
CA HIS A 194 -38.72 4.00 2.53
C HIS A 194 -38.89 3.29 3.87
N VAL A 195 -39.11 4.08 4.92
CA VAL A 195 -39.45 3.50 6.21
C VAL A 195 -40.54 4.36 6.82
N ALA A 196 -41.34 3.77 7.71
CA ALA A 196 -42.45 4.53 8.27
C ALA A 196 -42.52 4.28 9.75
N GLN A 197 -42.36 5.28 10.59
CA GLN A 197 -42.48 5.05 12.05
C GLN A 197 -41.82 3.73 12.57
N ASP A 198 -40.78 3.31 11.86
CA ASP A 198 -39.82 2.31 12.37
C ASP A 198 -40.09 0.82 12.46
N CYS A 199 -41.32 0.39 12.20
CA CYS A 199 -41.58 -1.05 12.34
C CYS A 199 -41.74 -1.65 10.94
N ASN A 200 -41.42 -0.88 9.91
CA ASN A 200 -42.24 -1.09 8.74
C ASN A 200 -41.88 -1.53 7.35
N HIS A 201 -41.11 -0.83 6.49
CA HIS A 201 -41.48 -1.14 5.07
C HIS A 201 -40.69 -1.05 3.77
N ALA A 202 -41.11 -0.08 2.95
CA ALA A 202 -41.04 -0.09 1.49
C ALA A 202 -39.62 -0.07 0.94
N SER A 203 -39.35 -0.93 -0.03
CA SER A 203 -38.07 -0.87 -0.69
C SER A 203 -38.20 -0.82 -2.22
N VAL A 204 -38.44 0.40 -2.73
CA VAL A 204 -38.55 0.71 -4.16
C VAL A 204 -37.36 0.17 -4.97
N ASP A 205 -37.65 -0.36 -6.15
CA ASP A 205 -36.63 -0.91 -7.04
C ASP A 205 -36.85 -0.46 -8.48
N TRP A 206 -35.80 0.05 -9.11
CA TRP A 206 -35.85 0.39 -10.52
C TRP A 206 -34.74 -0.33 -11.21
N GLN A 207 -34.86 -0.43 -12.52
CA GLN A 207 -34.05 -1.38 -13.26
C GLN A 207 -33.85 -1.07 -14.72
N VAL A 208 -32.74 -1.55 -15.25
CA VAL A 208 -32.41 -1.38 -16.65
C VAL A 208 -31.52 -2.53 -16.92
N VAL A 209 -31.79 -3.18 -18.04
CA VAL A 209 -31.07 -4.38 -18.43
C VAL A 209 -30.45 -4.31 -19.82
N ALA A 210 -29.47 -5.16 -20.06
CA ALA A 210 -28.92 -5.30 -21.39
C ALA A 210 -29.56 -6.49 -22.13
N ASN A 211 -30.78 -6.28 -22.59
CA ASN A 211 -31.59 -7.29 -23.27
C ASN A 211 -31.80 -8.54 -22.39
N GLY A 212 -32.43 -8.33 -21.23
CA GLY A 212 -32.82 -9.40 -20.33
C GLY A 212 -34.11 -9.11 -19.59
N ASP A 213 -34.64 -10.13 -18.89
CA ASP A 213 -35.89 -10.04 -18.11
C ASP A 213 -35.56 -10.16 -16.62
N VAL A 214 -35.47 -9.03 -15.92
CA VAL A 214 -34.94 -9.01 -14.55
C VAL A 214 -35.94 -9.66 -13.60
N SER A 215 -35.48 -10.71 -12.92
CA SER A 215 -36.16 -11.16 -11.72
C SER A 215 -35.34 -10.69 -10.51
N VAL A 216 -36.04 -10.24 -9.46
CA VAL A 216 -35.38 -9.69 -8.28
C VAL A 216 -35.85 -10.32 -6.95
N GLU A 217 -34.89 -10.66 -6.09
CA GLU A 217 -35.19 -11.04 -4.70
C GLU A 217 -34.18 -10.47 -3.67
N LEU A 218 -34.74 -9.76 -2.69
CA LEU A 218 -34.01 -9.07 -1.64
C LEU A 218 -33.83 -10.03 -0.49
N ARG A 219 -32.59 -10.48 -0.25
CA ARG A 219 -32.46 -11.75 0.47
C ARG A 219 -31.90 -11.87 1.87
N ASP A 220 -30.99 -11.04 2.38
CA ASP A 220 -30.32 -11.55 3.59
C ASP A 220 -29.59 -10.68 4.58
N ALA A 221 -29.72 -11.04 5.86
CA ALA A 221 -28.73 -10.72 6.90
C ALA A 221 -28.10 -12.06 7.29
N ASP A 222 -29.01 -13.05 7.44
CA ASP A 222 -28.76 -14.49 7.34
C ASP A 222 -29.18 -14.70 5.88
N GLN A 223 -28.63 -15.68 5.19
CA GLN A 223 -28.85 -15.76 3.74
C GLN A 223 -30.31 -16.09 3.25
N GLN A 224 -31.26 -16.21 4.18
CA GLN A 224 -32.61 -16.66 3.86
C GLN A 224 -33.35 -15.58 3.11
N VAL A 225 -34.28 -15.95 2.22
CA VAL A 225 -35.01 -14.97 1.41
C VAL A 225 -36.13 -14.29 2.18
N VAL A 226 -36.50 -13.09 1.79
CA VAL A 226 -37.51 -12.36 2.53
C VAL A 226 -38.38 -11.41 1.66
N ALA A 227 -38.04 -11.30 0.37
CA ALA A 227 -38.97 -10.66 -0.57
C ALA A 227 -38.64 -10.99 -2.03
N THR A 228 -39.66 -11.02 -2.88
CA THR A 228 -39.46 -11.33 -4.30
C THR A 228 -40.00 -10.20 -5.21
N GLY A 229 -39.47 -10.12 -6.42
CA GLY A 229 -39.73 -8.98 -7.25
C GLY A 229 -40.05 -9.32 -8.66
N GLN A 230 -40.87 -8.47 -9.25
CA GLN A 230 -41.51 -8.66 -10.55
C GLN A 230 -40.60 -8.68 -11.77
N GLY A 231 -40.63 -7.64 -12.59
CA GLY A 231 -39.75 -7.61 -13.76
C GLY A 231 -38.90 -6.35 -13.87
N THR A 232 -38.22 -6.22 -15.02
CA THR A 232 -37.56 -4.97 -15.38
C THR A 232 -38.27 -3.81 -14.69
N SER A 233 -37.58 -3.17 -13.74
CA SER A 233 -37.90 -1.81 -13.33
C SER A 233 -39.16 -1.61 -12.51
N GLY A 234 -39.60 -2.61 -11.80
CA GLY A 234 -40.77 -2.36 -10.99
C GLY A 234 -40.54 -3.03 -9.68
N THR A 235 -40.88 -2.35 -8.59
CA THR A 235 -41.08 -3.01 -7.30
C THR A 235 -41.36 -2.11 -6.12
N LEU A 236 -41.87 -2.74 -5.08
CA LEU A 236 -41.97 -2.24 -3.74
C LEU A 236 -42.04 -3.53 -2.92
N GLN A 237 -41.14 -3.69 -1.96
CA GLN A 237 -41.17 -4.86 -1.08
C GLN A 237 -41.32 -4.40 0.37
N VAL A 238 -41.90 -5.25 1.20
CA VAL A 238 -42.37 -4.81 2.50
C VAL A 238 -42.16 -5.87 3.60
N VAL A 239 -41.65 -5.46 4.78
CA VAL A 239 -41.42 -6.40 5.94
C VAL A 239 -41.35 -5.66 7.29
N ASN A 240 -40.67 -6.32 8.26
CA ASN A 240 -40.49 -5.87 9.67
C ASN A 240 -39.16 -5.17 10.16
N PRO A 241 -39.02 -4.98 11.53
CA PRO A 241 -38.18 -3.89 12.06
C PRO A 241 -36.73 -3.81 11.61
N HIS A 242 -36.17 -4.85 11.00
CA HIS A 242 -34.70 -4.84 10.83
C HIS A 242 -34.21 -3.75 9.89
N LEU A 243 -33.47 -2.76 10.42
CA LEU A 243 -33.13 -1.54 9.68
C LEU A 243 -31.64 -1.37 9.54
N TRP A 244 -31.23 -0.32 8.81
CA TRP A 244 -29.83 0.14 8.76
C TRP A 244 -29.71 1.43 9.57
N GLN A 245 -28.77 1.43 10.50
CA GLN A 245 -28.70 2.52 11.47
C GLN A 245 -27.27 3.09 11.70
N PRO A 246 -27.15 4.39 12.02
CA PRO A 246 -25.85 5.01 12.28
C PRO A 246 -24.93 4.16 13.15
N GLY A 247 -25.42 3.75 14.31
CA GLY A 247 -24.69 2.84 15.20
C GLY A 247 -24.06 1.62 14.54
N GLU A 248 -24.90 0.62 14.22
CA GLU A 248 -24.45 -0.57 13.49
C GLU A 248 -24.55 -0.21 12.04
N GLY A 249 -24.12 -1.08 11.15
CA GLY A 249 -24.59 -0.95 9.78
C GLY A 249 -25.20 -2.29 9.56
N TYR A 250 -26.47 -2.33 9.22
CA TYR A 250 -27.14 -3.62 8.98
C TYR A 250 -27.59 -3.54 7.57
N LEU A 251 -27.09 -4.40 6.71
CA LEU A 251 -27.57 -4.33 5.35
C LEU A 251 -28.10 -5.65 4.74
N TYR A 252 -29.26 -5.56 4.08
CA TYR A 252 -29.82 -6.66 3.31
C TYR A 252 -29.01 -6.86 2.03
N GLU A 253 -29.33 -7.88 1.27
CA GLU A 253 -28.55 -8.20 0.07
C GLU A 253 -29.54 -8.47 -1.04
N LEU A 254 -29.76 -7.47 -1.89
CA LEU A 254 -30.62 -7.62 -3.07
C LEU A 254 -29.83 -8.02 -4.32
N CYS A 255 -30.16 -9.16 -4.91
CA CYS A 255 -29.52 -9.55 -6.16
C CYS A 255 -30.41 -9.38 -7.39
N VAL A 256 -29.78 -9.03 -8.50
CA VAL A 256 -30.45 -8.86 -9.76
C VAL A 256 -30.04 -9.99 -10.70
N THR A 257 -31.06 -10.66 -11.23
CA THR A 257 -30.93 -11.65 -12.29
C THR A 257 -31.58 -11.13 -13.57
N ALA A 258 -30.83 -11.11 -14.67
CA ALA A 258 -31.41 -10.95 -16.02
C ALA A 258 -31.49 -12.30 -16.81
N LYS A 259 -32.38 -12.39 -17.81
CA LYS A 259 -32.64 -13.68 -18.53
C LYS A 259 -33.01 -13.52 -20.02
N SER A 260 -32.03 -13.72 -20.91
CA SER A 260 -32.34 -14.03 -22.33
C SER A 260 -32.56 -15.54 -22.42
N GLN A 261 -32.95 -16.03 -23.60
CA GLN A 261 -33.33 -17.45 -23.77
C GLN A 261 -32.24 -18.44 -23.34
N THR A 262 -30.98 -18.05 -23.50
CA THR A 262 -29.85 -18.88 -23.06
C THR A 262 -28.97 -18.30 -21.92
N GLU A 263 -28.71 -17.00 -21.97
CA GLU A 263 -27.68 -16.40 -21.13
C GLU A 263 -28.25 -15.99 -19.78
N CYS A 264 -27.35 -15.90 -18.79
CA CYS A 264 -27.73 -15.36 -17.46
C CYS A 264 -26.74 -14.31 -16.81
N ASP A 265 -27.29 -13.39 -16.03
CA ASP A 265 -26.49 -12.43 -15.22
C ASP A 265 -27.10 -12.13 -13.81
N ILE A 266 -26.38 -12.56 -12.76
CA ILE A 266 -26.77 -12.29 -11.38
C ILE A 266 -25.80 -11.33 -10.76
N TYR A 267 -26.30 -10.16 -10.39
CA TYR A 267 -25.52 -9.16 -9.68
C TYR A 267 -26.13 -9.03 -8.29
N PRO A 268 -25.29 -8.86 -7.29
CA PRO A 268 -25.80 -8.62 -5.95
C PRO A 268 -25.58 -7.14 -5.58
N LEU A 269 -26.51 -6.56 -4.85
CA LEU A 269 -26.41 -5.18 -4.38
C LEU A 269 -26.75 -5.13 -2.91
N ARG A 270 -25.92 -4.50 -2.11
CA ARG A 270 -26.26 -4.38 -0.69
C ARG A 270 -27.24 -3.23 -0.49
N VAL A 271 -28.10 -3.38 0.50
CA VAL A 271 -29.20 -2.47 0.65
C VAL A 271 -29.29 -2.08 2.12
N GLY A 272 -29.20 -0.79 2.38
CA GLY A 272 -29.36 -0.38 3.72
C GLY A 272 -30.72 0.21 3.80
N ILE A 273 -31.63 -0.44 4.52
CA ILE A 273 -32.91 0.22 4.75
C ILE A 273 -32.77 1.34 5.78
N ARG A 274 -32.66 2.59 5.28
CA ARG A 274 -32.63 3.79 6.12
C ARG A 274 -33.37 4.98 5.59
N SER A 275 -33.98 5.73 6.51
CA SER A 275 -34.62 7.00 6.20
C SER A 275 -33.67 8.23 6.38
N VAL A 276 -33.59 9.08 5.35
CA VAL A 276 -32.79 10.29 5.46
C VAL A 276 -33.60 11.49 4.99
N ALA A 277 -34.00 12.32 5.95
CA ALA A 277 -34.78 13.49 5.64
C ALA A 277 -34.41 14.62 6.59
N VAL A 278 -34.72 15.85 6.21
CA VAL A 278 -34.50 17.01 7.04
C VAL A 278 -35.86 17.59 7.31
N LYS A 279 -36.24 17.72 8.57
CA LYS A 279 -37.54 18.27 8.88
C LYS A 279 -37.26 19.38 9.81
N GLY A 280 -37.51 20.62 9.42
CA GLY A 280 -37.40 21.71 10.37
C GLY A 280 -36.14 21.77 11.24
N GLU A 281 -34.96 21.94 10.62
CA GLU A 281 -33.76 22.22 11.42
C GLU A 281 -33.27 21.05 12.26
N GLN A 282 -33.56 19.84 11.81
CA GLN A 282 -33.14 18.62 12.44
C GLN A 282 -32.83 17.74 11.25
N PHE A 283 -31.78 16.93 11.36
CA PHE A 283 -31.42 16.05 10.27
C PHE A 283 -31.83 14.68 10.74
N LEU A 284 -32.96 14.19 10.26
CA LEU A 284 -33.52 12.95 10.75
C LEU A 284 -32.99 11.81 9.95
N ILE A 285 -32.62 10.76 10.66
CA ILE A 285 -32.21 9.53 10.05
C ILE A 285 -33.13 8.54 10.72
N ASN A 286 -33.74 7.64 9.92
CA ASN A 286 -34.75 6.73 10.42
C ASN A 286 -35.64 7.52 11.38
N HIS A 287 -35.96 8.75 10.94
CA HIS A 287 -36.96 9.57 11.60
C HIS A 287 -36.60 10.14 12.99
N LYS A 288 -35.35 10.03 13.41
CA LYS A 288 -34.96 10.70 14.66
C LYS A 288 -33.76 11.66 14.45
N PRO A 289 -33.70 12.75 15.24
CA PRO A 289 -32.60 13.68 15.15
C PRO A 289 -31.26 12.97 15.24
N PHE A 290 -30.36 13.31 14.33
CA PHE A 290 -29.00 12.80 14.41
C PHE A 290 -28.02 13.96 14.60
N TYR A 291 -26.83 13.65 15.12
CA TYR A 291 -25.76 14.65 15.39
C TYR A 291 -24.43 14.22 14.84
N PHE A 292 -23.96 14.91 13.80
CA PHE A 292 -22.74 14.50 13.17
C PHE A 292 -21.57 14.83 14.07
N THR A 293 -20.58 13.98 14.10
CA THR A 293 -19.34 14.27 14.77
C THR A 293 -18.35 13.64 13.82
N GLY A 294 -17.20 14.30 13.59
CA GLY A 294 -16.27 13.72 12.64
C GLY A 294 -15.16 14.53 12.05
N PHE A 295 -14.82 14.17 10.82
CA PHE A 295 -13.69 14.73 10.15
C PHE A 295 -14.04 15.19 8.76
N GLY A 296 -13.32 16.19 8.29
CA GLY A 296 -13.26 16.48 6.88
C GLY A 296 -12.01 15.72 6.65
N ARG A 297 -11.83 15.13 5.49
CA ARG A 297 -10.68 14.25 5.28
C ARG A 297 -10.11 14.60 3.97
N HIS A 298 -9.05 13.91 3.62
CA HIS A 298 -8.50 13.95 2.30
C HIS A 298 -8.00 12.57 1.95
N GLU A 299 -7.80 12.32 0.66
CA GLU A 299 -7.22 11.08 0.19
C GLU A 299 -5.76 11.41 0.02
N ASP A 300 -5.00 11.27 1.09
CA ASP A 300 -3.64 11.77 1.15
C ASP A 300 -2.88 10.96 2.18
N ALA A 301 -1.76 10.37 1.73
CA ALA A 301 -0.92 9.55 2.55
C ALA A 301 0.50 9.86 2.17
N ASP A 302 1.44 9.16 2.74
CA ASP A 302 2.82 9.58 2.69
C ASP A 302 3.67 9.35 1.40
N LEU A 303 3.52 8.24 0.67
CA LEU A 303 4.35 8.11 -0.56
C LEU A 303 3.55 8.04 -1.82
N ARG A 304 2.28 7.70 -1.66
CA ARG A 304 1.34 7.40 -2.73
C ARG A 304 0.42 8.57 -3.06
N GLY A 305 0.70 9.74 -2.51
CA GLY A 305 -0.22 10.90 -2.56
C GLY A 305 -1.69 10.59 -2.32
N LYS A 306 -2.52 10.97 -3.30
CA LYS A 306 -3.94 10.66 -3.35
C LYS A 306 -4.19 9.18 -3.73
N GLY A 307 -3.14 8.38 -3.94
CA GLY A 307 -3.32 6.97 -4.28
C GLY A 307 -4.10 6.23 -3.22
N PHE A 308 -4.74 5.11 -3.58
CA PHE A 308 -5.57 4.36 -2.63
C PHE A 308 -4.87 3.14 -2.11
N ASP A 309 -5.00 2.90 -0.81
CA ASP A 309 -4.39 1.77 -0.16
C ASP A 309 -5.25 1.28 0.99
N ASN A 310 -5.45 -0.03 1.04
CA ASN A 310 -6.25 -0.73 2.04
C ASN A 310 -5.74 -0.48 3.44
N VAL A 311 -4.48 -0.78 3.71
CA VAL A 311 -3.94 -0.57 5.04
C VAL A 311 -4.36 0.75 5.71
N LEU A 312 -4.15 1.89 5.04
CA LEU A 312 -4.57 3.19 5.58
C LEU A 312 -6.05 3.11 5.94
N VAL A 314 -7.80 0.86 6.76
CA VAL A 314 -8.12 -0.04 7.85
C VAL A 314 -7.69 0.65 9.13
N HIS A 315 -6.54 1.32 9.06
CA HIS A 315 -5.97 2.08 10.18
C HIS A 315 -6.75 3.41 10.52
N ASP A 316 -6.88 4.28 9.52
CA ASP A 316 -7.64 5.48 9.67
C ASP A 316 -9.00 5.20 10.28
N HIS A 317 -9.63 4.07 9.94
CA HIS A 317 -10.99 3.80 10.45
C HIS A 317 -10.98 3.25 11.82
N ALA A 318 -9.87 2.61 12.17
CA ALA A 318 -9.64 2.24 13.58
C ALA A 318 -9.46 3.50 14.44
N LEU A 319 -8.87 4.52 13.81
CA LEU A 319 -8.66 5.81 14.48
C LEU A 319 -9.94 6.66 14.60
N ASP A 321 -12.73 5.34 14.59
CA ASP A 321 -13.53 4.49 15.45
C ASP A 321 -13.23 4.76 16.91
N TRP A 322 -11.95 4.69 17.23
CA TRP A 322 -11.44 5.01 18.55
C TRP A 322 -11.83 6.41 19.00
N ILE A 323 -11.64 7.42 18.14
CA ILE A 323 -11.90 8.80 18.54
C ILE A 323 -13.35 9.04 18.80
N GLY A 324 -14.20 8.16 18.30
CA GLY A 324 -15.62 8.32 18.47
C GLY A 324 -16.28 9.05 17.36
N ALA A 325 -15.70 9.06 16.18
CA ALA A 325 -16.29 9.77 15.06
C ALA A 325 -17.41 8.98 14.41
N ASN A 326 -18.58 9.57 14.30
CA ASN A 326 -19.62 8.86 13.63
C ASN A 326 -19.76 9.20 12.11
N SER A 327 -19.20 10.34 11.71
CA SER A 327 -19.33 10.78 10.33
C SER A 327 -18.10 11.48 9.68
N TYR A 328 -18.07 11.50 8.35
CA TYR A 328 -17.16 12.40 7.66
C TYR A 328 -17.73 12.88 6.37
N ARG A 329 -17.12 13.91 5.82
CA ARG A 329 -17.51 14.41 4.50
C ARG A 329 -16.31 14.13 3.66
N THR A 330 -16.52 13.68 2.45
CA THR A 330 -15.42 13.46 1.54
C THR A 330 -15.10 14.91 1.22
N SER A 331 -13.94 15.41 1.62
CA SER A 331 -13.76 16.83 1.82
C SER A 331 -13.73 17.60 0.56
N HIS A 332 -13.01 17.11 -0.46
CA HIS A 332 -13.04 17.89 -1.71
C HIS A 332 -13.32 17.25 -3.05
N TYR A 333 -13.43 15.94 -3.11
CA TYR A 333 -13.69 15.24 -4.35
C TYR A 333 -14.32 13.96 -3.87
N PRO A 334 -14.91 13.16 -4.77
CA PRO A 334 -15.36 11.78 -4.44
C PRO A 334 -14.20 10.91 -3.94
N TYR A 335 -14.46 10.02 -2.99
CA TYR A 335 -13.42 9.12 -2.47
C TYR A 335 -13.68 7.78 -3.12
N ALA A 336 -12.81 6.81 -2.95
CA ALA A 336 -13.04 5.60 -3.69
C ALA A 336 -13.52 4.59 -2.76
N GLU A 337 -14.65 3.91 -2.92
CA GLU A 337 -14.92 2.59 -2.16
C GLU A 337 -14.64 2.44 -0.63
N GLU A 338 -14.58 3.56 0.07
CA GLU A 338 -14.67 3.61 1.49
C GLU A 338 -16.12 3.88 1.69
N LEU A 340 -18.75 1.71 0.34
CA LEU A 340 -19.48 0.47 0.63
C LEU A 340 -18.63 -0.09 1.70
N ASP A 341 -17.34 -0.06 1.33
CA ASP A 341 -16.24 -0.49 2.17
C ASP A 341 -16.39 0.41 3.37
N TRP A 342 -16.88 -0.19 4.42
CA TRP A 342 -16.60 0.33 5.68
C TRP A 342 -17.45 1.48 6.08
N ALA A 343 -18.21 2.03 5.14
CA ALA A 343 -19.07 3.12 5.52
C ALA A 343 -20.40 2.46 5.61
N ASP A 344 -20.50 1.33 4.93
CA ASP A 344 -21.76 0.65 4.79
C ASP A 344 -21.90 -0.44 5.81
N GLU A 345 -20.87 -1.28 5.95
CA GLU A 345 -20.86 -2.32 6.94
C GLU A 345 -21.00 -1.75 8.36
N HIS A 346 -20.28 -0.67 8.68
CA HIS A 346 -20.28 -0.09 10.06
C HIS A 346 -21.18 1.12 10.17
N GLY A 347 -22.04 1.26 9.16
CA GLY A 347 -22.97 2.36 9.16
C GLY A 347 -22.33 3.64 9.65
N ILE A 348 -21.23 4.02 9.00
CA ILE A 348 -20.64 5.35 9.09
C ILE A 348 -21.42 6.27 8.15
N VAL A 349 -21.88 7.40 8.67
CA VAL A 349 -22.68 8.31 7.86
C VAL A 349 -21.81 9.27 7.07
N VAL A 350 -21.90 9.24 5.76
CA VAL A 350 -21.00 10.06 4.98
C VAL A 350 -21.70 11.24 4.30
N ILE A 351 -21.01 12.38 4.18
CA ILE A 351 -21.40 13.44 3.29
C ILE A 351 -20.47 13.42 2.09
N ASP A 352 -20.99 13.06 0.91
CA ASP A 352 -20.05 13.05 -0.21
C ASP A 352 -20.11 14.20 -1.22
N GLU A 353 -18.93 14.74 -1.53
CA GLU A 353 -18.83 15.94 -2.31
C GLU A 353 -18.36 15.65 -3.73
N THR A 354 -18.55 16.64 -4.60
CA THR A 354 -17.97 16.61 -5.93
C THR A 354 -16.65 17.32 -5.85
N ALA A 355 -15.91 17.26 -6.96
CA ALA A 355 -14.54 17.72 -7.03
C ALA A 355 -14.38 19.23 -7.06
N ALA A 356 -15.49 19.92 -6.86
CA ALA A 356 -15.54 21.37 -7.07
C ALA A 356 -15.07 22.27 -5.87
N VAL A 357 -13.77 22.54 -5.75
CA VAL A 357 -13.26 23.52 -4.81
C VAL A 357 -12.72 24.61 -5.74
N GLY A 358 -12.39 25.75 -5.17
CA GLY A 358 -11.78 26.86 -5.87
C GLY A 358 -12.60 27.67 -6.84
N PHE A 359 -13.88 27.83 -6.61
CA PHE A 359 -14.64 28.68 -7.53
C PHE A 359 -14.61 30.08 -6.95
N ASN A 360 -13.46 30.43 -6.41
CA ASN A 360 -13.31 31.61 -5.60
C ASN A 360 -12.02 32.26 -6.03
N LEU A 361 -12.02 33.58 -6.16
CA LEU A 361 -10.79 34.30 -6.51
C LEU A 361 -10.25 35.05 -5.30
N SER A 362 -10.91 34.86 -4.17
CA SER A 362 -10.63 35.62 -2.96
C SER A 362 -9.70 35.03 -1.90
N LEU A 363 -9.50 33.72 -1.89
CA LEU A 363 -8.91 33.14 -0.71
C LEU A 363 -7.40 33.14 -0.67
N GLY A 364 -6.69 33.75 -1.63
CA GLY A 364 -5.19 33.82 -1.52
C GLY A 364 -4.77 34.17 -0.07
N ILE A 365 -3.73 33.53 0.45
CA ILE A 365 -3.26 33.70 1.86
C ILE A 365 -2.70 32.41 2.47
N LYS A 374 -5.35 35.93 -15.51
CA LYS A 374 -4.94 36.31 -14.15
C LYS A 374 -6.16 36.38 -13.14
N GLU A 375 -7.27 37.09 -13.47
CA GLU A 375 -8.33 37.29 -12.44
C GLU A 375 -9.82 37.65 -12.79
N LEU A 376 -10.09 38.93 -13.07
CA LEU A 376 -11.20 39.83 -12.53
C LEU A 376 -12.75 39.65 -12.34
N TYR A 377 -13.49 38.99 -13.20
CA TYR A 377 -14.90 38.73 -12.85
C TYR A 377 -15.12 37.26 -12.86
N SER A 378 -15.57 36.69 -11.74
CA SER A 378 -15.64 35.24 -11.59
C SER A 378 -16.43 34.58 -12.70
N GLU A 379 -17.11 35.37 -13.58
CA GLU A 379 -17.88 34.91 -14.83
C GLU A 379 -17.36 35.22 -16.32
N GLU A 380 -17.86 34.43 -17.29
CA GLU A 380 -17.25 34.16 -18.62
C GLU A 380 -15.77 33.85 -18.67
N ALA A 381 -15.27 33.57 -17.45
CA ALA A 381 -14.19 32.59 -17.23
C ALA A 381 -14.78 31.39 -16.41
N VAL A 382 -15.93 31.57 -15.77
CA VAL A 382 -16.78 30.43 -15.38
C VAL A 382 -17.98 30.40 -16.32
N ASN A 383 -18.13 29.34 -17.12
CA ASN A 383 -18.98 29.44 -18.29
C ASN A 383 -20.25 28.72 -17.98
N GLY A 384 -21.24 28.86 -18.88
CA GLY A 384 -22.33 27.92 -19.00
C GLY A 384 -21.69 26.62 -19.40
N GLU A 385 -20.44 26.74 -19.78
CA GLU A 385 -19.63 25.60 -20.05
C GLU A 385 -19.14 24.90 -18.78
N THR A 386 -18.61 25.69 -17.85
CA THR A 386 -18.20 25.10 -16.61
C THR A 386 -19.45 24.56 -15.95
N GLN A 387 -20.49 25.39 -15.89
CA GLN A 387 -21.75 24.95 -15.33
C GLN A 387 -22.08 23.60 -15.88
N GLN A 388 -21.73 23.38 -17.15
CA GLN A 388 -22.04 22.11 -17.79
C GLN A 388 -21.19 20.98 -17.20
N ALA A 389 -19.88 21.22 -17.12
CA ALA A 389 -18.92 20.29 -16.57
C ALA A 389 -19.30 19.93 -15.17
N HIS A 390 -19.76 20.95 -14.43
CA HIS A 390 -20.20 20.82 -13.06
C HIS A 390 -21.37 19.88 -12.99
N LEU A 391 -22.40 20.17 -13.77
CA LEU A 391 -23.55 19.33 -13.83
C LEU A 391 -23.17 17.91 -14.17
N GLN A 392 -22.09 17.78 -14.93
CA GLN A 392 -21.59 16.48 -15.38
C GLN A 392 -20.90 15.75 -14.21
N ALA A 393 -20.09 16.51 -13.47
CA ALA A 393 -19.45 16.04 -12.25
C ALA A 393 -20.47 15.50 -11.25
N ILE A 394 -21.51 16.29 -11.04
CA ILE A 394 -22.55 15.88 -10.16
C ILE A 394 -23.12 14.59 -10.68
N LYS A 395 -23.48 14.61 -11.95
CA LYS A 395 -24.21 13.51 -12.60
C LYS A 395 -23.45 12.17 -12.43
N GLU A 396 -22.13 12.23 -12.54
CA GLU A 396 -21.30 11.06 -12.45
C GLU A 396 -21.13 10.55 -11.00
N LEU A 397 -21.42 11.38 -10.02
CA LEU A 397 -21.16 11.01 -8.63
C LEU A 397 -22.42 10.37 -8.03
N ILE A 398 -23.57 11.04 -8.23
CA ILE A 398 -24.90 10.48 -7.90
C ILE A 398 -25.05 9.13 -8.58
N ALA A 399 -24.69 9.10 -9.88
CA ALA A 399 -24.59 7.86 -10.68
C ALA A 399 -23.97 6.68 -9.91
N ARG A 400 -22.81 6.90 -9.29
CA ARG A 400 -22.03 5.85 -8.71
C ARG A 400 -22.49 5.63 -7.29
N ASP A 401 -22.83 6.70 -6.60
CA ASP A 401 -23.06 6.60 -5.15
C ASP A 401 -24.52 6.50 -4.81
N LYS A 402 -25.38 6.45 -5.84
CA LYS A 402 -26.86 6.52 -5.71
C LYS A 402 -27.38 5.56 -4.64
N ASN A 403 -26.78 4.38 -4.54
CA ASN A 403 -27.36 3.34 -3.69
C ASN A 403 -26.77 3.26 -2.31
N HIS A 404 -25.56 3.74 -2.13
CA HIS A 404 -24.88 3.65 -0.82
C HIS A 404 -25.70 4.22 0.36
N PRO A 405 -26.09 3.38 1.31
CA PRO A 405 -26.89 4.01 2.36
C PRO A 405 -26.05 4.91 3.23
N SER A 406 -24.74 4.72 3.21
CA SER A 406 -23.80 5.57 3.96
C SER A 406 -24.06 7.05 3.69
N VAL A 407 -24.17 7.35 2.40
CA VAL A 407 -24.33 8.71 1.94
C VAL A 407 -25.69 9.26 2.37
N VAL A 408 -25.67 10.26 3.23
CA VAL A 408 -26.92 10.89 3.69
C VAL A 408 -27.12 12.37 3.21
N TRP A 410 -25.94 15.28 -0.37
CA TRP A 410 -25.00 15.62 -1.44
C TRP A 410 -24.46 17.04 -1.29
N SER A 411 -23.16 17.19 -1.45
CA SER A 411 -22.52 18.48 -1.46
C SER A 411 -22.07 18.69 -2.90
N ILE A 412 -22.58 19.71 -3.52
CA ILE A 412 -22.29 19.94 -4.92
C ILE A 412 -21.10 20.88 -5.14
N ALA A 413 -20.61 21.48 -4.06
CA ALA A 413 -19.41 22.33 -4.16
C ALA A 413 -18.87 22.70 -2.79
N ASN A 414 -17.59 23.13 -2.79
CA ASN A 414 -16.93 23.59 -1.60
C ASN A 414 -16.41 25.01 -1.72
N GLU A 415 -16.93 25.88 -0.83
CA GLU A 415 -16.50 27.26 -0.64
C GLU A 415 -16.44 28.09 -1.92
N PRO A 416 -17.54 28.12 -2.70
CA PRO A 416 -17.52 29.00 -3.88
C PRO A 416 -17.75 30.41 -3.40
N ASP A 417 -17.21 31.43 -4.09
CA ASP A 417 -17.54 32.86 -3.76
C ASP A 417 -18.96 33.23 -4.27
N THR A 418 -19.85 33.55 -3.34
CA THR A 418 -21.22 33.83 -3.71
C THR A 418 -21.55 35.31 -3.56
N ARG A 419 -20.53 36.14 -3.56
CA ARG A 419 -20.76 37.54 -3.66
C ARG A 419 -21.03 37.98 -5.11
N PRO A 420 -20.25 37.49 -6.11
CA PRO A 420 -20.46 38.00 -7.47
C PRO A 420 -21.85 37.75 -7.98
N GLN A 421 -22.17 38.39 -9.11
CA GLN A 421 -23.58 38.47 -9.61
C GLN A 421 -24.21 37.16 -10.19
N GLY A 422 -23.35 36.31 -10.75
CA GLY A 422 -23.87 35.19 -11.44
C GLY A 422 -23.97 33.97 -10.55
N ALA A 423 -23.49 34.10 -9.31
CA ALA A 423 -23.37 32.99 -8.40
C ALA A 423 -24.71 32.30 -8.36
N ARG A 424 -25.77 33.08 -8.26
CA ARG A 424 -27.09 32.50 -8.13
C ARG A 424 -27.54 31.96 -9.46
N GLU A 425 -27.15 32.60 -10.53
CA GLU A 425 -27.53 32.17 -11.85
C GLU A 425 -26.92 30.83 -12.09
N TYR A 426 -25.67 30.68 -11.63
CA TYR A 426 -24.89 29.48 -11.80
C TYR A 426 -25.36 28.28 -10.95
N PHE A 427 -25.55 28.49 -9.65
CA PHE A 427 -26.00 27.42 -8.76
C PHE A 427 -27.46 26.99 -8.79
N ALA A 428 -28.40 27.88 -9.03
CA ALA A 428 -29.80 27.52 -8.96
C ALA A 428 -30.11 26.31 -9.89
N PRO A 429 -29.67 26.37 -11.17
CA PRO A 429 -29.91 25.22 -12.00
C PRO A 429 -29.22 23.97 -11.40
N LEU A 430 -27.93 24.07 -11.03
CA LEU A 430 -27.17 22.96 -10.48
C LEU A 430 -27.85 22.39 -9.23
N ALA A 431 -28.40 23.30 -8.44
CA ALA A 431 -29.30 22.99 -7.35
C ALA A 431 -30.53 22.18 -7.81
N GLU A 432 -31.26 22.66 -8.82
CA GLU A 432 -32.48 21.96 -9.16
C GLU A 432 -32.21 20.64 -9.85
N ALA A 433 -31.08 20.63 -10.57
CA ALA A 433 -30.53 19.46 -11.30
C ALA A 433 -30.19 18.28 -10.41
N THR A 434 -29.43 18.51 -9.31
CA THR A 434 -29.05 17.44 -8.38
C THR A 434 -30.30 16.88 -7.67
N ARG A 435 -31.30 17.70 -7.44
CA ARG A 435 -32.50 17.16 -6.80
C ARG A 435 -33.30 16.23 -7.70
N LYS A 436 -33.44 16.62 -8.98
CA LYS A 436 -34.05 15.72 -10.01
C LYS A 436 -33.23 14.44 -10.28
N LEU A 437 -31.96 14.42 -9.92
CA LEU A 437 -31.18 13.23 -10.02
C LEU A 437 -31.36 12.29 -8.83
N ASP A 438 -31.47 12.82 -7.63
CA ASP A 438 -31.71 11.95 -6.52
C ASP A 438 -32.54 12.72 -5.51
N PRO A 439 -33.83 12.38 -5.46
CA PRO A 439 -34.67 13.11 -4.55
C PRO A 439 -34.49 12.60 -3.16
N THR A 440 -33.84 11.45 -3.00
CA THR A 440 -33.87 10.80 -1.70
C THR A 440 -33.03 11.47 -0.64
N ARG A 441 -31.99 12.18 -1.03
CA ARG A 441 -31.11 12.83 -0.07
C ARG A 441 -31.22 14.36 -0.10
N PRO A 442 -31.09 15.05 1.04
CA PRO A 442 -30.94 16.52 0.99
C PRO A 442 -29.68 16.93 0.23
N ILE A 443 -29.70 18.06 -0.46
CA ILE A 443 -28.44 18.60 -1.02
C ILE A 443 -27.85 19.79 -0.22
N THR A 444 -26.60 20.13 -0.48
CA THR A 444 -25.99 21.22 0.22
C THR A 444 -24.87 21.75 -0.61
N CYS A 445 -24.42 22.95 -0.28
CA CYS A 445 -23.25 23.58 -0.88
C CYS A 445 -22.40 24.22 0.23
N VAL A 446 -21.26 23.63 0.55
CA VAL A 446 -20.38 24.04 1.68
C VAL A 446 -19.96 25.53 1.65
N ASN A 447 -20.24 26.25 2.74
CA ASN A 447 -20.14 27.71 2.83
C ASN A 447 -18.79 28.31 3.26
N VAL A 448 -18.22 29.25 2.49
CA VAL A 448 -17.07 30.08 2.95
C VAL A 448 -17.66 31.02 3.96
N PHE A 450 -19.45 34.14 4.84
CA PHE A 450 -20.39 35.18 4.31
C PHE A 450 -21.73 35.22 5.06
N CYS A 451 -22.20 36.19 5.84
CA CYS A 451 -23.64 35.90 6.19
C CYS A 451 -24.91 36.65 5.77
N ASP A 452 -24.96 37.97 5.97
CA ASP A 452 -25.91 38.76 5.22
C ASP A 452 -25.12 39.09 3.96
N ALA A 453 -23.81 39.23 4.18
CA ALA A 453 -22.79 39.51 3.17
C ALA A 453 -22.49 38.21 2.53
N HIS A 454 -23.03 37.12 3.12
CA HIS A 454 -23.32 35.92 2.32
C HIS A 454 -24.33 36.49 1.41
N THR A 455 -24.39 35.93 0.24
CA THR A 455 -25.14 36.65 -0.69
C THR A 455 -25.82 35.64 -1.60
N ASP A 456 -26.09 36.04 -2.82
CA ASP A 456 -27.21 35.46 -3.55
C ASP A 456 -27.38 33.95 -3.41
N THR A 457 -26.28 33.26 -3.32
CA THR A 457 -26.33 31.88 -3.72
C THR A 457 -26.77 30.96 -2.64
N ILE A 458 -28.04 30.68 -2.62
CA ILE A 458 -28.40 29.32 -2.47
C ILE A 458 -27.93 28.72 -1.21
N SER A 459 -27.98 29.42 -0.11
CA SER A 459 -27.99 28.60 1.08
C SER A 459 -29.48 28.19 1.21
N ASP A 460 -30.30 29.13 0.74
CA ASP A 460 -31.71 28.97 0.64
C ASP A 460 -32.10 27.98 -0.48
N LEU A 461 -31.34 27.90 -1.56
CA LEU A 461 -31.64 26.91 -2.59
C LEU A 461 -31.16 25.53 -2.20
N PHE A 462 -30.72 25.39 -0.95
CA PHE A 462 -30.20 24.14 -0.43
C PHE A 462 -30.84 23.68 0.87
N ASP A 463 -30.57 22.44 1.27
CA ASP A 463 -31.30 21.73 2.35
C ASP A 463 -30.76 21.71 3.77
N VAL A 464 -29.45 21.79 3.93
CA VAL A 464 -28.87 21.84 5.25
C VAL A 464 -27.61 22.63 5.15
N LEU A 465 -27.39 23.51 6.12
CA LEU A 465 -26.31 24.48 6.06
C LEU A 465 -25.01 23.91 6.60
N CYS A 466 -24.07 23.70 5.70
CA CYS A 466 -22.76 23.28 6.05
C CYS A 466 -21.83 24.51 6.06
N LEU A 467 -21.26 24.86 7.23
CA LEU A 467 -20.41 26.06 7.36
C LEU A 467 -18.98 25.74 7.69
N ASN A 468 -18.05 26.21 6.86
CA ASN A 468 -16.59 26.08 7.10
C ASN A 468 -16.05 27.25 7.93
N ARG A 469 -15.47 26.97 9.08
CA ARG A 469 -15.14 28.03 10.03
C ARG A 469 -13.73 27.93 10.58
N TYR A 470 -12.76 28.35 9.80
CA TYR A 470 -11.37 28.23 10.17
C TYR A 470 -10.92 29.67 10.58
N TYR A 471 -11.48 30.09 11.71
CA TYR A 471 -11.75 31.50 12.04
C TYR A 471 -10.62 32.34 12.49
N GLY A 472 -10.22 32.05 13.73
CA GLY A 472 -9.30 32.90 14.48
C GLY A 472 -8.01 32.77 13.76
N TRP A 473 -7.77 31.57 13.26
CA TRP A 473 -6.61 31.43 12.47
C TRP A 473 -6.44 32.74 11.62
N TYR A 474 -7.51 33.18 10.97
CA TYR A 474 -7.35 34.19 9.92
C TYR A 474 -7.88 35.56 10.32
N VAL A 475 -8.95 35.59 11.10
CA VAL A 475 -9.72 36.81 11.25
C VAL A 475 -9.46 37.50 12.62
N GLN A 476 -9.48 36.72 13.70
CA GLN A 476 -9.27 37.28 15.03
C GLN A 476 -8.14 36.51 15.65
N SER A 477 -6.92 36.95 15.30
CA SER A 477 -5.75 36.14 15.54
C SER A 477 -5.55 35.76 16.99
N GLY A 478 -5.73 34.48 17.26
CA GLY A 478 -5.33 33.86 18.55
C GLY A 478 -6.15 34.35 19.70
N ASP A 479 -7.26 34.99 19.36
CA ASP A 479 -8.10 35.61 20.35
C ASP A 479 -9.23 34.66 20.58
N LEU A 480 -9.61 34.43 21.81
CA LEU A 480 -10.73 33.56 22.00
C LEU A 480 -12.06 34.20 22.28
N GLU A 481 -12.08 35.31 23.01
CA GLU A 481 -13.35 35.74 23.59
C GLU A 481 -14.05 36.59 22.58
N THR A 482 -13.26 37.25 21.73
CA THR A 482 -13.79 38.03 20.60
C THR A 482 -14.26 37.07 19.54
N ALA A 483 -13.52 35.98 19.40
CA ALA A 483 -13.83 34.94 18.41
C ALA A 483 -15.09 34.21 18.74
N GLU A 484 -15.38 34.06 20.03
CA GLU A 484 -16.56 33.34 20.50
C GLU A 484 -17.81 34.15 20.27
N LYS A 485 -17.69 35.43 20.62
CA LYS A 485 -18.69 36.47 20.39
C LYS A 485 -19.23 36.43 18.94
N VAL A 486 -18.35 36.62 17.95
CA VAL A 486 -18.80 36.63 16.56
C VAL A 486 -19.28 35.25 16.03
N LEU A 487 -18.71 34.17 16.54
CA LEU A 487 -19.07 32.88 16.04
C LEU A 487 -20.52 32.67 16.36
N GLU A 488 -20.87 32.92 17.62
CA GLU A 488 -22.21 32.61 18.09
C GLU A 488 -23.25 33.57 17.47
N LYS A 489 -22.84 34.80 17.26
CA LYS A 489 -23.82 35.74 16.83
C LYS A 489 -24.01 35.55 15.33
N GLU A 490 -23.04 34.92 14.67
CA GLU A 490 -23.13 34.61 13.23
C GLU A 490 -23.97 33.37 13.01
N LEU A 491 -23.74 32.38 13.85
CA LEU A 491 -24.48 31.14 13.83
C LEU A 491 -25.96 31.39 14.00
N LEU A 492 -26.31 32.22 14.99
CA LEU A 492 -27.72 32.68 15.20
C LEU A 492 -28.25 33.40 13.98
N ALA A 493 -27.41 34.24 13.37
CA ALA A 493 -27.84 34.95 12.19
C ALA A 493 -28.33 33.91 11.19
N TRP A 494 -27.53 32.86 10.96
CA TRP A 494 -27.92 31.78 10.01
C TRP A 494 -29.14 31.00 10.47
N GLN A 495 -29.42 30.98 11.76
CA GLN A 495 -30.65 30.32 12.21
C GLN A 495 -31.84 31.18 11.78
N GLU A 496 -31.91 32.44 12.23
CA GLU A 496 -33.06 33.30 11.95
C GLU A 496 -33.28 33.30 10.47
N LYS A 497 -32.22 33.58 9.71
CA LYS A 497 -32.32 33.68 8.25
C LYS A 497 -32.86 32.43 7.56
N LEU A 498 -32.13 31.30 7.64
CA LEU A 498 -32.57 30.11 6.90
C LEU A 498 -33.34 29.04 7.64
N HIS A 499 -33.26 29.02 8.96
CA HIS A 499 -34.01 28.05 9.79
C HIS A 499 -33.78 26.64 9.33
N GLN A 500 -32.60 26.38 8.79
CA GLN A 500 -32.34 25.00 8.42
C GLN A 500 -31.34 24.31 9.35
N PRO A 501 -31.10 23.03 9.16
CA PRO A 501 -30.11 22.51 10.09
C PRO A 501 -28.72 23.04 9.71
N ILE A 502 -27.88 23.21 10.72
CA ILE A 502 -26.53 23.70 10.50
C ILE A 502 -25.51 22.70 10.93
N ILE A 503 -24.63 22.41 9.99
CA ILE A 503 -23.45 21.57 10.23
C ILE A 503 -22.15 22.37 10.09
N ILE A 504 -21.35 22.36 11.15
CA ILE A 504 -20.04 22.92 10.97
C ILE A 504 -19.14 21.89 10.37
N THR A 505 -18.82 22.08 9.10
CA THR A 505 -18.03 21.12 8.34
C THR A 505 -16.50 21.31 8.41
N GLU A 506 -16.04 22.48 8.85
CA GLU A 506 -14.62 22.72 9.11
C GLU A 506 -14.44 23.63 10.30
N TYR A 507 -13.75 23.18 11.32
CA TYR A 507 -13.37 24.07 12.38
C TYR A 507 -12.04 23.58 12.99
N GLY A 508 -10.93 24.32 12.94
CA GLY A 508 -9.75 23.93 13.67
C GLY A 508 -8.62 24.86 13.40
N VAL A 509 -7.40 24.57 13.89
CA VAL A 509 -6.24 25.46 13.65
C VAL A 509 -4.99 24.70 13.28
N ASP A 510 -4.07 25.32 12.53
CA ASP A 510 -2.87 24.61 12.15
C ASP A 510 -2.11 24.48 13.43
N THR A 511 -1.47 23.34 13.64
CA THR A 511 -0.84 23.06 14.91
C THR A 511 0.38 22.31 14.61
N LEU A 512 1.55 22.87 14.90
CA LEU A 512 2.76 22.07 14.73
C LEU A 512 2.70 20.88 15.71
N ALA A 513 3.30 19.75 15.39
CA ALA A 513 2.93 18.52 16.09
C ALA A 513 3.26 18.58 17.55
N GLY A 514 4.52 18.88 17.87
CA GLY A 514 4.95 18.80 19.27
C GLY A 514 5.18 20.11 19.99
N LEU A 515 4.55 21.17 19.53
CA LEU A 515 4.90 22.49 19.96
C LEU A 515 4.06 22.88 21.16
N HIS A 516 4.64 22.80 22.38
CA HIS A 516 3.84 23.10 23.57
C HIS A 516 4.20 24.47 24.08
N SER A 517 3.21 25.21 24.61
CA SER A 517 3.41 26.56 25.17
C SER A 517 2.61 26.70 26.42
N TYR A 519 1.82 29.70 27.33
CA TYR A 519 0.90 30.72 26.81
C TYR A 519 0.27 29.95 25.66
N THR A 520 -1.02 29.64 25.66
CA THR A 520 -1.49 28.88 24.52
C THR A 520 -1.40 29.85 23.35
N ASP A 521 -0.54 29.60 22.38
CA ASP A 521 -0.36 30.53 21.28
C ASP A 521 -0.58 29.72 20.06
N TRP A 523 -0.25 27.59 16.85
CA TRP A 523 0.57 26.43 16.45
C TRP A 523 1.08 25.62 17.63
N SER A 524 0.40 25.68 18.76
CA SER A 524 0.86 24.92 19.88
C SER A 524 -0.23 23.95 20.09
N GLU A 525 0.11 22.77 20.51
CA GLU A 525 -0.91 21.81 20.78
C GLU A 525 -1.89 22.42 21.77
N GLU A 526 -1.40 23.04 22.84
CA GLU A 526 -2.31 23.59 23.85
C GLU A 526 -3.39 24.46 23.24
N TYR A 527 -3.00 25.20 22.20
CA TYR A 527 -3.87 26.12 21.53
C TYR A 527 -4.92 25.38 20.73
N GLN A 528 -4.47 24.48 19.85
CA GLN A 528 -5.42 23.73 19.08
C GLN A 528 -6.51 23.40 20.04
N CYS A 529 -6.12 22.85 21.21
CA CYS A 529 -7.14 22.37 22.18
C CYS A 529 -8.13 23.44 22.64
N ALA A 530 -7.64 24.62 22.93
CA ALA A 530 -8.54 25.61 23.48
C ALA A 530 -9.49 26.00 22.35
N TRP A 531 -8.91 26.15 21.17
CA TRP A 531 -9.67 26.67 20.09
C TRP A 531 -10.81 25.68 19.81
N LEU A 532 -10.49 24.40 19.79
CA LEU A 532 -11.47 23.39 19.54
C LEU A 532 -12.55 23.36 20.64
N ASP A 533 -12.13 23.52 21.88
CA ASP A 533 -13.07 23.61 23.01
C ASP A 533 -13.99 24.83 22.98
N TYR A 535 -15.06 26.34 20.21
CA TYR A 535 -16.09 26.05 19.27
C TYR A 535 -17.16 25.27 19.98
N HIS A 536 -16.78 24.13 20.52
CA HIS A 536 -17.76 23.20 21.12
C HIS A 536 -18.70 23.93 22.09
N ARG A 537 -18.13 24.72 22.97
CA ARG A 537 -18.92 25.55 23.83
C ARG A 537 -20.11 26.19 23.09
N VAL A 538 -19.85 26.85 21.98
CA VAL A 538 -20.92 27.61 21.33
C VAL A 538 -21.84 26.70 20.52
N PHE A 539 -21.31 25.63 19.92
CA PHE A 539 -22.15 24.66 19.19
C PHE A 539 -23.25 24.26 20.17
N ASP A 540 -22.78 23.70 21.29
CA ASP A 540 -23.60 23.23 22.37
C ASP A 540 -24.68 24.21 22.87
N ARG A 541 -24.61 25.48 22.51
CA ARG A 541 -25.67 26.40 22.92
C ARG A 541 -26.50 27.00 21.75
N VAL A 542 -26.26 26.52 20.52
CA VAL A 542 -27.05 26.93 19.36
C VAL A 542 -27.76 25.67 18.85
N SER A 543 -29.10 25.62 19.08
CA SER A 543 -29.94 24.47 18.67
C SER A 543 -29.75 23.99 17.23
N ALA A 544 -29.74 24.92 16.27
CA ALA A 544 -29.69 24.51 14.85
C ALA A 544 -28.34 23.85 14.49
N VAL A 545 -27.35 23.87 15.39
CA VAL A 545 -26.11 23.17 15.09
C VAL A 545 -26.27 21.63 15.29
N VAL A 546 -26.41 20.91 14.18
CA VAL A 546 -26.66 19.48 14.27
C VAL A 546 -25.45 18.69 13.89
N GLY A 547 -24.26 19.31 13.96
CA GLY A 547 -23.09 18.49 13.63
C GLY A 547 -21.79 19.22 13.53
N GLU A 548 -20.72 18.54 13.93
CA GLU A 548 -19.39 19.13 13.96
C GLU A 548 -18.35 18.24 13.26
N GLN A 549 -17.67 18.76 12.27
CA GLN A 549 -16.72 17.94 11.61
C GLN A 549 -15.43 18.72 11.55
N VAL A 550 -14.44 18.25 12.30
CA VAL A 550 -13.23 18.98 12.61
C VAL A 550 -12.37 18.95 11.39
N TRP A 551 -11.68 20.05 11.09
CA TRP A 551 -10.93 20.11 9.88
C TRP A 551 -9.48 19.79 10.06
N ASN A 552 -9.26 18.52 10.35
CA ASN A 552 -8.69 17.52 9.42
C ASN A 552 -8.32 16.18 10.01
N PHE A 553 -8.55 15.09 9.28
CA PHE A 553 -8.23 13.89 9.93
C PHE A 553 -6.75 14.05 10.27
N ALA A 554 -5.94 14.33 9.26
CA ALA A 554 -4.49 14.29 9.39
C ALA A 554 -3.87 15.37 8.53
N ASP A 555 -2.69 15.88 8.92
CA ASP A 555 -1.88 16.78 8.06
C ASP A 555 -1.71 16.17 6.67
N PHE A 556 -2.06 16.95 5.66
CA PHE A 556 -2.01 16.52 4.29
C PHE A 556 -1.18 17.54 3.50
N ALA A 557 -0.52 17.08 2.43
CA ALA A 557 0.29 18.01 1.61
C ALA A 557 -0.53 19.13 0.97
N THR A 558 0.09 20.29 0.83
CA THR A 558 -0.59 21.44 0.22
C THR A 558 0.12 21.92 -1.01
N SER A 559 -0.55 22.84 -1.68
CA SER A 559 0.01 23.57 -2.77
C SER A 559 1.07 24.48 -2.20
N GLN A 560 1.66 25.32 -3.07
CA GLN A 560 2.61 26.42 -2.64
C GLN A 560 2.10 27.67 -1.82
N GLY A 561 3.01 28.18 -0.96
CA GLY A 561 2.76 29.40 -0.17
C GLY A 561 3.42 29.49 1.21
N ILE A 562 3.35 30.67 1.83
CA ILE A 562 3.88 30.87 3.18
C ILE A 562 2.97 30.22 4.23
N LEU A 563 1.68 30.57 4.25
CA LEU A 563 0.81 29.93 5.22
C LEU A 563 0.99 28.41 5.18
N ARG A 564 1.55 27.94 4.07
CA ARG A 564 1.89 26.52 3.90
C ARG A 564 3.30 26.12 4.38
N VAL A 565 3.35 25.75 5.67
CA VAL A 565 4.43 24.93 6.22
C VAL A 565 4.35 23.65 5.40
N GLY A 566 5.50 23.15 4.94
CA GLY A 566 5.48 21.92 4.11
C GLY A 566 4.39 21.01 4.66
N GLY A 567 3.45 20.58 3.81
CA GLY A 567 2.29 19.77 4.24
C GLY A 567 1.58 20.42 5.42
N ASN A 568 1.03 21.60 5.18
CA ASN A 568 0.43 22.39 6.22
C ASN A 568 -0.41 21.59 7.24
N LYS A 569 -0.24 21.95 8.50
CA LYS A 569 -0.53 21.07 9.62
C LYS A 569 -1.90 21.21 10.17
N LYS A 570 -2.88 20.97 9.31
CA LYS A 570 -4.28 21.15 9.62
C LYS A 570 -4.88 20.02 10.47
N GLY A 571 -4.07 19.03 10.82
CA GLY A 571 -4.63 17.81 11.31
C GLY A 571 -4.74 17.63 12.80
N ILE A 572 -5.55 16.64 13.15
CA ILE A 572 -5.64 16.09 14.49
C ILE A 572 -4.55 15.03 14.58
N PHE A 573 -4.42 14.26 13.52
CA PHE A 573 -3.37 13.28 13.36
C PHE A 573 -2.30 13.79 12.41
N THR A 574 -1.07 13.35 12.62
CA THR A 574 -0.01 13.72 11.74
C THR A 574 -0.22 12.98 10.45
N ARG A 575 0.54 13.29 9.42
CA ARG A 575 0.37 12.57 8.15
C ARG A 575 0.72 11.11 8.31
N ASP A 576 1.54 10.82 9.31
CA ASP A 576 1.88 9.43 9.62
C ASP A 576 0.98 8.91 10.72
N ARG A 577 -0.21 9.51 10.82
CA ARG A 577 -1.32 9.15 11.72
C ARG A 577 -1.03 9.18 13.21
N LYS A 578 -0.25 10.15 13.68
CA LYS A 578 0.02 10.25 15.13
C LYS A 578 -0.79 11.31 15.84
N PRO A 579 -1.30 11.00 17.02
CA PRO A 579 -2.24 11.92 17.62
C PRO A 579 -1.59 13.18 18.19
N LYS A 580 -2.05 14.32 17.71
CA LYS A 580 -1.71 15.54 18.42
C LYS A 580 -2.52 15.53 19.72
N SER A 581 -2.14 16.31 20.71
CA SER A 581 -2.89 16.30 21.94
C SER A 581 -4.40 16.42 21.65
N ALA A 582 -4.77 17.21 20.65
CA ALA A 582 -6.20 17.44 20.35
C ALA A 582 -7.04 16.18 20.07
N ALA A 583 -6.40 15.04 19.90
CA ALA A 583 -7.14 13.87 19.55
C ALA A 583 -7.83 13.40 20.84
N PHE A 584 -7.09 13.40 21.93
CA PHE A 584 -7.61 12.86 23.17
C PHE A 584 -8.69 13.76 23.66
N LEU A 585 -8.62 15.05 23.28
CA LEU A 585 -9.69 15.98 23.64
C LEU A 585 -11.00 15.56 23.01
N LEU A 586 -10.96 15.21 21.72
CA LEU A 586 -12.13 14.76 20.96
C LEU A 586 -12.57 13.36 21.38
N GLN A 587 -11.63 12.52 21.77
CA GLN A 587 -12.04 11.27 22.33
C GLN A 587 -12.97 11.47 23.53
N LYS A 588 -12.60 12.35 24.45
CA LYS A 588 -13.46 12.52 25.60
C LYS A 588 -14.79 13.05 25.12
N ARG A 589 -14.77 14.19 24.45
CA ARG A 589 -16.02 14.82 24.03
C ARG A 589 -16.95 13.87 23.31
N TRP A 590 -16.46 13.23 22.26
CA TRP A 590 -17.32 12.46 21.37
C TRP A 590 -17.81 11.11 21.91
N THR A 591 -17.05 10.45 22.77
CA THR A 591 -17.47 9.13 23.21
C THR A 591 -18.15 9.35 24.52
N GLY A 592 -17.91 10.53 25.10
CA GLY A 592 -18.57 10.95 26.31
C GLY A 592 -19.99 11.27 25.95
N ASN A 594 -23.30 10.41 24.52
CA ASN A 594 -24.08 9.23 24.16
C ASN A 594 -24.46 9.37 22.67
N PHE A 595 -24.28 8.28 21.94
CA PHE A 595 -24.24 8.22 20.48
C PHE A 595 -25.23 9.06 19.71
N GLY A 596 -24.73 9.88 18.81
CA GLY A 596 -25.56 10.46 17.78
C GLY A 596 -26.60 11.42 18.28
N GLU A 597 -26.64 11.69 19.58
CA GLU A 597 -27.59 12.69 20.15
C GLU A 597 -26.90 13.98 20.57
N LYS A 598 -27.37 15.11 20.05
CA LYS A 598 -26.75 16.38 20.35
C LYS A 598 -26.77 16.54 21.88
N PRO A 599 -25.73 17.14 22.47
CA PRO A 599 -25.82 17.45 23.91
C PRO A 599 -26.85 18.55 24.20
N GLN A 600 -27.58 18.42 25.32
CA GLN A 600 -28.80 19.23 25.63
C GLN A 600 -28.60 20.77 25.82
N GLN A 601 -27.50 21.12 26.50
CA GLN A 601 -26.89 22.46 26.55
C GLN A 601 -25.60 22.06 27.22
N GLY A 602 -24.44 22.43 26.66
CA GLY A 602 -23.19 21.62 26.84
C GLY A 602 -22.27 21.91 28.01
N GLY A 603 -22.16 23.20 28.30
CA GLY A 603 -21.67 23.72 29.58
C GLY A 603 -22.86 24.53 30.13
N LYS A 604 -22.74 24.96 31.39
CA LYS A 604 -23.78 25.75 32.04
C LYS A 604 -22.94 26.47 33.12
N GLN A 605 -23.18 27.77 33.34
CA GLN A 605 -22.28 28.62 34.17
C GLN A 605 -22.09 28.18 35.65
N SER B 1 10.57 -30.16 -1.74
CA SER B 1 9.35 -29.57 -2.37
C SER B 1 9.74 -28.18 -2.71
N HIS B 2 10.21 -27.96 -3.95
CA HIS B 2 10.80 -26.66 -4.37
C HIS B 2 10.08 -26.15 -5.53
N LEU B 4 8.65 -22.70 -8.10
CA LEU B 4 8.88 -21.57 -8.97
C LEU B 4 7.77 -20.53 -8.79
N ARG B 5 8.21 -19.29 -8.58
CA ARG B 5 7.28 -18.20 -8.33
C ARG B 5 6.55 -17.97 -9.63
N PRO B 6 5.21 -17.96 -9.59
CA PRO B 6 4.40 -17.88 -10.81
C PRO B 6 4.68 -16.68 -11.71
N VAL B 7 4.38 -16.87 -12.99
CA VAL B 7 4.32 -15.84 -14.02
C VAL B 7 3.18 -16.33 -14.91
N GLU B 8 2.90 -15.66 -16.02
CA GLU B 8 1.79 -16.12 -16.85
C GLU B 8 2.01 -16.25 -18.34
N THR B 9 0.95 -16.74 -18.97
CA THR B 9 0.90 -17.34 -20.30
C THR B 9 -0.19 -18.45 -20.12
N PRO B 10 -0.06 -19.65 -20.71
CA PRO B 10 -1.06 -20.59 -20.16
C PRO B 10 -0.82 -21.14 -18.76
N THR B 11 0.10 -20.52 -18.02
CA THR B 11 -0.08 -20.46 -16.55
C THR B 11 -0.71 -19.10 -16.28
N ARG B 12 -1.83 -19.09 -15.60
CA ARG B 12 -2.43 -17.83 -15.16
C ARG B 12 -2.56 -17.92 -13.64
N GLU B 13 -2.75 -16.79 -12.98
CA GLU B 13 -3.07 -16.75 -11.55
C GLU B 13 -3.98 -15.59 -11.24
N ILE B 14 -4.71 -15.71 -10.14
CA ILE B 14 -5.60 -14.66 -9.69
C ILE B 14 -5.09 -14.10 -8.36
N LYS B 15 -4.40 -12.95 -8.40
CA LYS B 15 -4.09 -12.26 -7.16
C LYS B 15 -5.39 -12.26 -6.37
N LYS B 16 -5.35 -12.84 -5.18
CA LYS B 16 -6.49 -12.78 -4.31
C LYS B 16 -6.01 -12.25 -2.98
N LEU B 17 -4.77 -11.77 -2.99
CA LEU B 17 -4.27 -10.89 -1.93
C LEU B 17 -5.11 -9.70 -2.25
N ASP B 18 -6.37 -9.83 -1.84
CA ASP B 18 -7.25 -8.75 -1.94
C ASP B 18 -7.11 -8.12 -0.59
N GLY B 19 -7.90 -7.10 -0.35
CA GLY B 19 -7.96 -6.58 0.95
C GLY B 19 -8.91 -7.41 1.76
N LEU B 20 -8.89 -7.10 3.03
CA LEU B 20 -10.06 -7.25 3.82
C LEU B 20 -10.50 -8.70 3.90
N TRP B 21 -9.60 -9.56 4.40
CA TRP B 21 -10.01 -10.87 4.91
C TRP B 21 -10.66 -10.58 6.28
N ALA B 22 -11.46 -11.51 6.79
CA ALA B 22 -12.00 -11.36 8.14
C ALA B 22 -10.89 -11.72 9.10
N PHE B 23 -10.93 -11.20 10.33
CA PHE B 23 -9.78 -11.30 11.24
C PHE B 23 -10.22 -11.53 12.69
N SER B 24 -9.63 -12.55 13.33
CA SER B 24 -9.95 -12.81 14.72
C SER B 24 -8.73 -13.31 15.45
N LEU B 25 -8.73 -12.98 16.74
CA LEU B 25 -7.69 -13.39 17.63
C LEU B 25 -8.20 -14.58 18.43
N ASP B 26 -7.27 -15.47 18.78
CA ASP B 26 -7.55 -16.67 19.55
C ASP B 26 -6.96 -16.56 20.95
N ARG B 27 -7.79 -16.07 21.86
CA ARG B 27 -7.42 -15.98 23.28
C ARG B 27 -8.40 -16.84 24.07
N GLU B 28 -8.02 -17.22 25.29
CA GLU B 28 -8.79 -18.24 26.00
C GLU B 28 -8.74 -19.45 25.00
N ASN B 29 -7.72 -19.38 24.15
CA ASN B 29 -7.43 -20.28 23.01
C ASN B 29 -8.57 -20.93 22.24
N CYS B 30 -8.57 -22.26 22.05
CA CYS B 30 -9.77 -22.98 21.56
C CYS B 30 -10.15 -22.98 20.06
N GLY B 31 -9.28 -22.49 19.17
CA GLY B 31 -9.68 -22.37 17.76
C GLY B 31 -9.57 -23.61 16.87
N ILE B 32 -8.54 -24.42 17.13
CA ILE B 32 -8.13 -25.48 16.20
C ILE B 32 -9.03 -26.69 16.26
N ASP B 33 -9.65 -26.91 17.40
CA ASP B 33 -10.60 -28.02 17.50
C ASP B 33 -12.05 -27.58 17.73
N GLN B 34 -12.31 -26.29 17.60
CA GLN B 34 -13.69 -25.83 17.66
C GLN B 34 -14.18 -25.61 16.22
N ARG B 35 -13.49 -26.27 15.29
CA ARG B 35 -13.79 -26.25 13.84
C ARG B 35 -14.26 -24.86 13.40
N TRP B 36 -13.33 -23.91 13.53
CA TRP B 36 -13.52 -22.52 13.13
C TRP B 36 -13.42 -22.31 11.62
N TRP B 37 -12.71 -23.20 10.92
CA TRP B 37 -12.48 -23.05 9.50
C TRP B 37 -13.74 -23.23 8.63
N GLU B 38 -14.83 -23.70 9.23
CA GLU B 38 -16.15 -23.59 8.61
C GLU B 38 -17.02 -22.78 9.53
N SER B 39 -18.28 -22.62 9.15
CA SER B 39 -19.31 -22.02 10.01
C SER B 39 -18.92 -20.58 10.39
N ALA B 40 -18.31 -19.89 9.42
CA ALA B 40 -17.25 -18.89 9.63
C ALA B 40 -17.37 -17.80 10.68
N LEU B 41 -16.24 -17.63 11.37
CA LEU B 41 -15.77 -16.43 12.08
C LEU B 41 -16.66 -15.48 12.85
N GLN B 42 -17.27 -15.92 13.93
CA GLN B 42 -17.93 -14.94 14.80
C GLN B 42 -17.02 -13.77 15.30
N GLU B 43 -17.59 -12.58 15.27
CA GLU B 43 -17.00 -11.35 15.85
C GLU B 43 -15.62 -10.91 15.35
N SER B 44 -15.34 -11.23 14.09
CA SER B 44 -14.13 -10.75 13.45
C SER B 44 -14.19 -9.23 13.10
N ARG B 45 -13.17 -8.76 12.36
CA ARG B 45 -13.01 -7.36 11.98
C ARG B 45 -12.22 -7.37 10.70
N ALA B 46 -12.38 -6.33 9.88
CA ALA B 46 -11.71 -6.26 8.59
C ALA B 46 -10.20 -6.18 8.70
N ILE B 47 -9.49 -6.96 7.91
CA ILE B 47 -8.04 -6.87 7.87
C ILE B 47 -7.54 -7.01 6.43
N ALA B 48 -6.47 -6.29 6.09
CA ALA B 48 -5.95 -6.34 4.75
C ALA B 48 -4.73 -7.24 4.59
N VAL B 49 -4.63 -7.88 3.42
CA VAL B 49 -3.42 -8.60 3.03
C VAL B 49 -2.90 -8.05 1.69
N PRO B 50 -1.59 -8.00 1.50
CA PRO B 50 -0.50 -8.37 2.35
C PRO B 50 -0.18 -7.31 3.37
N GLY B 51 -0.12 -7.66 4.65
CA GLY B 51 0.56 -6.75 5.62
C GLY B 51 0.58 -7.27 7.02
N SER B 52 1.19 -6.55 7.94
CA SER B 52 1.14 -6.98 9.32
C SER B 52 -0.29 -6.93 9.85
N PHE B 53 -0.56 -7.75 10.84
CA PHE B 53 -1.76 -7.57 11.62
C PHE B 53 -1.47 -6.68 12.85
N ASN B 54 -0.20 -6.41 13.11
CA ASN B 54 0.16 -5.66 14.33
C ASN B 54 -0.29 -4.20 14.46
N ASP B 55 0.19 -3.34 13.57
CA ASP B 55 -0.06 -1.90 13.62
C ASP B 55 -1.39 -1.43 13.01
N GLN B 56 -2.15 -2.31 12.37
CA GLN B 56 -3.34 -1.94 11.58
C GLN B 56 -4.43 -1.29 12.34
N PHE B 57 -4.58 -1.68 13.60
CA PHE B 57 -5.74 -1.26 14.35
C PHE B 57 -5.38 -0.31 15.44
N ALA B 58 -4.15 0.18 15.38
CA ALA B 58 -3.64 1.16 16.33
C ALA B 58 -4.09 0.77 17.71
N ASP B 59 -3.65 -0.39 18.15
CA ASP B 59 -4.10 -0.94 19.41
C ASP B 59 -2.95 -1.74 19.97
N ALA B 60 -2.64 -1.53 21.24
CA ALA B 60 -1.58 -2.28 21.96
C ALA B 60 -1.84 -3.82 22.21
N ASP B 61 -3.03 -4.11 22.75
CA ASP B 61 -3.49 -5.47 23.00
C ASP B 61 -3.54 -6.43 21.80
N ILE B 62 -3.75 -5.86 20.61
CA ILE B 62 -3.45 -6.60 19.40
C ILE B 62 -1.94 -6.51 19.04
N ARG B 63 -1.36 -5.32 19.04
CA ARG B 63 0.05 -5.16 18.67
C ARG B 63 1.02 -6.16 19.32
N ASN B 64 0.89 -6.34 20.63
CA ASN B 64 1.85 -7.13 21.42
C ASN B 64 1.45 -8.59 21.65
N TYR B 65 0.22 -8.93 21.25
CA TYR B 65 -0.40 -10.24 21.38
C TYR B 65 0.43 -11.33 20.75
N VAL B 66 0.56 -12.47 21.43
CA VAL B 66 1.20 -13.63 20.78
C VAL B 66 0.41 -14.93 20.88
N GLY B 67 0.53 -15.77 19.85
CA GLY B 67 -0.37 -16.91 19.70
C GLY B 67 -1.06 -17.00 18.34
N ASN B 68 -2.31 -17.48 18.35
CA ASN B 68 -2.97 -17.81 17.10
C ASN B 68 -3.94 -16.75 16.63
N VAL B 69 -3.84 -16.40 15.35
CA VAL B 69 -4.73 -15.44 14.66
C VAL B 69 -5.48 -16.08 13.48
N TRP B 70 -6.77 -15.79 13.36
CA TRP B 70 -7.57 -16.38 12.27
C TRP B 70 -7.96 -15.39 11.14
N TYR B 71 -7.79 -15.85 9.91
CA TYR B 71 -7.79 -15.00 8.74
C TYR B 71 -8.67 -15.71 7.74
N GLN B 72 -9.80 -15.14 7.35
CA GLN B 72 -10.71 -15.91 6.45
C GLN B 72 -11.35 -15.12 5.28
N ARG B 73 -11.11 -15.58 4.05
CA ARG B 73 -11.58 -14.91 2.79
C ARG B 73 -12.41 -15.83 1.89
N GLU B 74 -13.47 -15.30 1.31
CA GLU B 74 -14.18 -16.10 0.31
C GLU B 74 -13.64 -15.76 -1.05
N VAL B 75 -13.78 -16.69 -2.02
CA VAL B 75 -13.37 -16.44 -3.41
C VAL B 75 -14.11 -17.33 -4.43
N PHE B 76 -14.60 -16.74 -5.53
CA PHE B 76 -15.09 -17.49 -6.71
C PHE B 76 -13.90 -18.05 -7.51
N ILE B 77 -13.91 -19.36 -7.77
CA ILE B 77 -12.84 -19.97 -8.58
C ILE B 77 -13.28 -19.80 -10.01
N PRO B 78 -12.38 -19.37 -10.91
CA PRO B 78 -12.73 -19.10 -12.31
C PRO B 78 -13.13 -20.37 -13.08
N LYS B 79 -14.20 -20.26 -13.89
CA LYS B 79 -14.52 -21.25 -14.93
C LYS B 79 -13.48 -21.13 -16.07
N GLY B 80 -13.24 -22.20 -16.81
CA GLY B 80 -12.17 -22.13 -17.80
C GLY B 80 -10.87 -22.56 -17.13
N TRP B 81 -11.06 -23.20 -15.98
CA TRP B 81 -9.98 -23.69 -15.15
C TRP B 81 -10.18 -25.18 -14.87
N ALA B 82 -11.41 -25.64 -15.04
CA ALA B 82 -11.81 -27.05 -14.88
C ALA B 82 -10.86 -28.03 -15.56
N GLY B 83 -10.11 -27.57 -16.55
CA GLY B 83 -9.11 -28.40 -17.23
C GLY B 83 -7.82 -28.58 -16.44
N GLN B 84 -7.20 -27.47 -16.09
CA GLN B 84 -5.93 -27.41 -15.39
C GLN B 84 -6.08 -27.70 -13.89
N ARG B 85 -4.94 -27.80 -13.19
CA ARG B 85 -4.91 -27.88 -11.72
C ARG B 85 -4.93 -26.51 -10.99
N ILE B 86 -5.32 -26.54 -9.70
CA ILE B 86 -5.59 -25.33 -8.91
C ILE B 86 -4.65 -25.10 -7.68
N VAL B 87 -3.37 -24.83 -7.93
CA VAL B 87 -2.38 -24.61 -6.85
C VAL B 87 -2.47 -23.28 -6.03
N LEU B 88 -2.70 -23.42 -4.72
CA LEU B 88 -2.80 -22.27 -3.79
C LEU B 88 -1.45 -21.89 -3.15
N ARG B 89 -1.04 -20.63 -3.32
CA ARG B 89 0.25 -20.17 -2.79
C ARG B 89 0.18 -18.93 -1.88
N PHE B 90 0.80 -19.01 -0.69
CA PHE B 90 1.01 -17.83 0.15
C PHE B 90 2.45 -17.55 0.03
N ASP B 91 2.84 -16.30 -0.22
CA ASP B 91 4.27 -16.04 -0.39
C ASP B 91 5.01 -15.94 0.93
N ALA B 92 4.24 -15.93 2.00
CA ALA B 92 4.76 -16.14 3.33
C ALA B 92 3.55 -16.01 4.19
N VAL B 93 3.48 -16.79 5.24
CA VAL B 93 2.63 -16.43 6.34
C VAL B 93 3.66 -16.48 7.42
N THR B 94 3.65 -15.48 8.29
CA THR B 94 4.89 -15.09 8.91
C THR B 94 5.54 -16.24 9.63
N HIS B 95 4.94 -16.73 10.69
CA HIS B 95 5.67 -17.76 11.34
C HIS B 95 5.09 -19.10 11.02
N TYR B 96 3.76 -19.22 11.07
CA TYR B 96 3.09 -20.49 10.82
C TYR B 96 1.64 -20.38 10.32
N GLY B 97 1.41 -21.01 9.17
CA GLY B 97 0.12 -20.98 8.53
C GLY B 97 -0.39 -22.37 8.24
N LYS B 98 -1.64 -22.62 8.66
CA LYS B 98 -2.33 -23.85 8.42
C LYS B 98 -3.55 -23.50 7.57
N VAL B 99 -3.36 -23.47 6.26
CA VAL B 99 -4.43 -23.27 5.28
C VAL B 99 -5.53 -24.35 5.36
N TRP B 100 -6.76 -23.99 4.99
CA TRP B 100 -7.85 -24.95 4.78
C TRP B 100 -8.57 -24.49 3.54
N VAL B 101 -9.35 -25.38 2.92
CA VAL B 101 -10.37 -25.00 1.97
C VAL B 101 -11.63 -25.48 2.62
N ASN B 102 -12.79 -25.22 2.04
CA ASN B 102 -13.98 -25.69 2.69
C ASN B 102 -13.64 -26.99 3.41
N ASN B 103 -13.59 -26.90 4.73
CA ASN B 103 -13.42 -28.04 5.64
C ASN B 103 -12.39 -29.17 5.43
N GLN B 104 -11.12 -28.84 5.20
CA GLN B 104 -10.03 -29.81 5.37
C GLN B 104 -8.63 -29.20 5.22
N GLU B 105 -7.71 -29.69 6.06
CA GLU B 105 -6.34 -29.19 6.07
C GLU B 105 -5.66 -29.32 4.67
N VAL B 106 -5.24 -28.19 4.15
CA VAL B 106 -4.77 -28.12 2.81
C VAL B 106 -3.25 -28.02 2.79
N GLU B 108 0.47 -26.68 5.46
CA GLU B 108 1.00 -26.32 6.78
C GLU B 108 2.45 -25.95 6.59
N HIS B 109 2.96 -25.04 7.43
CA HIS B 109 4.31 -24.48 7.25
C HIS B 109 4.88 -23.81 8.49
N GLN B 110 6.21 -23.73 8.53
CA GLN B 110 6.90 -23.02 9.59
C GLN B 110 7.96 -22.03 9.17
N GLY B 111 8.46 -22.09 7.94
CA GLY B 111 9.32 -21.00 7.44
C GLY B 111 8.90 -19.56 7.83
N GLY B 112 7.92 -18.97 7.14
CA GLY B 112 7.49 -17.60 7.46
C GLY B 112 7.95 -16.45 6.58
N TYR B 113 9.05 -16.66 5.86
CA TYR B 113 9.50 -15.68 4.90
C TYR B 113 9.62 -16.35 3.56
N THR B 114 9.12 -17.59 3.48
CA THR B 114 9.09 -18.40 2.25
C THR B 114 7.68 -18.93 1.99
N PRO B 115 7.41 -19.40 0.75
CA PRO B 115 6.08 -19.84 0.26
C PRO B 115 5.49 -21.23 0.68
N PHE B 116 4.17 -21.40 0.46
CA PHE B 116 3.47 -22.69 0.62
C PHE B 116 2.99 -23.14 -0.74
N GLU B 117 2.45 -24.36 -0.84
CA GLU B 117 2.04 -24.95 -2.12
C GLU B 117 1.17 -26.21 -1.88
N ALA B 118 -0.05 -26.30 -2.45
CA ALA B 118 -0.90 -27.47 -2.11
C ALA B 118 -1.90 -28.18 -3.11
N ASP B 119 -3.05 -27.54 -3.38
CA ASP B 119 -4.23 -28.25 -3.93
C ASP B 119 -4.17 -28.38 -5.44
N VAL B 120 -4.09 -29.59 -5.98
CA VAL B 120 -4.11 -29.76 -7.46
C VAL B 120 -5.52 -30.10 -8.01
N THR B 121 -6.49 -29.21 -7.76
CA THR B 121 -7.86 -29.40 -8.26
C THR B 121 -8.74 -30.47 -7.60
N PRO B 122 -8.28 -31.07 -6.48
CA PRO B 122 -9.15 -32.19 -6.14
C PRO B 122 -10.26 -31.88 -5.14
N TYR B 123 -10.13 -30.84 -4.32
CA TYR B 123 -11.06 -30.74 -3.18
C TYR B 123 -12.45 -30.22 -3.46
N VAL B 124 -12.56 -29.01 -4.00
CA VAL B 124 -13.90 -28.53 -4.36
C VAL B 124 -14.04 -27.88 -5.80
N ILE B 125 -15.30 -27.84 -6.28
CA ILE B 125 -15.78 -27.37 -7.61
C ILE B 125 -14.88 -26.41 -8.39
N ALA B 126 -14.80 -26.59 -9.70
CA ALA B 126 -14.01 -25.70 -10.55
C ALA B 126 -14.66 -24.34 -10.93
N GLY B 127 -15.87 -24.07 -10.41
CA GLY B 127 -16.66 -22.94 -10.94
C GLY B 127 -17.39 -22.07 -9.94
N LYS B 128 -17.21 -22.39 -8.66
CA LYS B 128 -17.97 -21.71 -7.58
C LYS B 128 -17.05 -21.02 -6.56
N SER B 129 -17.63 -20.50 -5.48
CA SER B 129 -16.81 -19.90 -4.42
C SER B 129 -16.54 -20.89 -3.28
N VAL B 130 -15.44 -20.63 -2.57
CA VAL B 130 -14.93 -21.50 -1.51
C VAL B 130 -14.20 -20.67 -0.48
N ARG B 131 -14.62 -20.75 0.78
CA ARG B 131 -14.02 -19.95 1.84
C ARG B 131 -12.63 -20.46 2.17
N ILE B 132 -11.68 -19.55 2.33
CA ILE B 132 -10.30 -19.92 2.69
C ILE B 132 -9.91 -19.43 4.09
N THR B 133 -10.02 -20.33 5.07
CA THR B 133 -9.56 -20.06 6.41
C THR B 133 -8.06 -20.25 6.50
N VAL B 134 -7.42 -19.33 7.23
CA VAL B 134 -6.02 -19.45 7.60
C VAL B 134 -5.92 -19.33 9.13
N CYS B 135 -4.94 -20.04 9.70
CA CYS B 135 -4.57 -19.87 11.10
C CYS B 135 -3.11 -19.53 11.12
N VAL B 136 -2.83 -18.46 11.86
CA VAL B 136 -1.48 -17.91 11.95
C VAL B 136 -0.98 -17.96 13.38
N ASN B 137 0.28 -18.31 13.53
CA ASN B 137 0.90 -18.45 14.81
C ASN B 137 2.06 -17.50 14.83
N ASN B 138 2.01 -16.65 15.85
CA ASN B 138 3.05 -15.69 16.13
C ASN B 138 4.24 -16.33 16.82
N GLU B 139 3.97 -17.09 17.89
CA GLU B 139 4.99 -17.67 18.82
C GLU B 139 6.34 -18.06 18.22
N LEU B 140 7.38 -17.90 19.03
CA LEU B 140 8.71 -18.42 18.72
C LEU B 140 9.34 -19.14 19.94
N ASN B 141 10.10 -20.20 19.62
CA ASN B 141 10.74 -21.08 20.59
C ASN B 141 12.16 -21.30 20.10
N TRP B 142 12.93 -22.12 20.81
CA TRP B 142 14.34 -22.29 20.44
C TRP B 142 14.56 -23.11 19.16
N GLN B 143 13.61 -23.96 18.80
CA GLN B 143 13.73 -24.73 17.56
C GLN B 143 13.00 -24.03 16.42
N THR B 144 12.84 -22.72 16.56
CA THR B 144 12.21 -21.94 15.54
C THR B 144 13.19 -20.91 15.09
N ILE B 145 13.27 -20.70 13.78
CA ILE B 145 14.15 -19.69 13.19
C ILE B 145 13.51 -18.30 13.35
N PRO B 146 14.30 -17.29 13.78
CA PRO B 146 14.00 -16.39 14.87
C PRO B 146 13.53 -17.09 16.16
N PRO B 147 14.49 -17.68 16.88
CA PRO B 147 14.22 -18.38 18.12
C PRO B 147 13.88 -17.38 19.20
N GLY B 148 13.03 -17.81 20.13
CA GLY B 148 12.76 -17.06 21.35
C GLY B 148 12.09 -18.00 22.33
N VAL B 150 8.53 -18.28 24.85
CA VAL B 150 7.28 -17.65 25.24
C VAL B 150 7.06 -18.04 26.69
N ILE B 151 6.81 -17.04 27.52
CA ILE B 151 6.49 -17.30 28.92
C ILE B 151 5.00 -17.06 29.15
N THR B 152 4.28 -18.11 29.52
CA THR B 152 2.91 -17.90 29.89
C THR B 152 2.92 -17.28 31.29
N ASP B 153 2.43 -16.06 31.39
CA ASP B 153 2.35 -15.35 32.67
C ASP B 153 1.30 -16.04 33.56
N GLU B 154 1.28 -15.64 34.83
CA GLU B 154 0.39 -16.26 35.80
C GLU B 154 -1.07 -16.05 35.36
N ASN B 155 -1.79 -17.15 35.25
CA ASN B 155 -3.08 -17.16 34.60
C ASN B 155 -3.05 -16.56 33.19
N GLY B 156 -2.10 -17.05 32.39
CA GLY B 156 -2.17 -16.96 30.95
C GLY B 156 -1.80 -15.72 30.16
N LYS B 157 -1.10 -14.76 30.76
CA LYS B 157 -0.56 -13.62 29.97
C LYS B 157 0.72 -14.06 29.24
N LYS B 158 0.50 -14.64 28.07
CA LYS B 158 1.56 -15.30 27.32
C LYS B 158 2.36 -14.22 26.57
N LYS B 159 3.46 -13.79 27.17
CA LYS B 159 4.37 -12.83 26.55
C LYS B 159 5.45 -13.59 25.78
N GLN B 160 5.91 -12.98 24.68
CA GLN B 160 6.94 -13.56 23.81
C GLN B 160 8.22 -12.79 24.00
N SER B 161 9.35 -13.48 23.98
CA SER B 161 10.64 -12.83 24.18
C SER B 161 11.57 -13.31 23.09
N TYR B 162 12.37 -12.41 22.53
CA TYR B 162 13.20 -12.82 21.41
C TYR B 162 14.58 -12.18 21.48
N PHE B 163 15.43 -12.43 20.49
CA PHE B 163 16.85 -12.12 20.61
C PHE B 163 17.45 -11.17 19.57
N HIS B 164 16.60 -10.68 18.69
CA HIS B 164 17.02 -9.73 17.66
C HIS B 164 16.46 -8.26 17.89
N ASP B 165 16.87 -7.33 17.01
CA ASP B 165 16.53 -5.92 17.11
C ASP B 165 15.07 -5.63 16.76
N PHE B 166 14.69 -6.00 15.54
CA PHE B 166 13.40 -5.67 14.96
C PHE B 166 12.22 -6.34 15.66
N PHE B 167 11.07 -5.67 15.60
CA PHE B 167 9.84 -6.15 16.22
C PHE B 167 9.24 -7.41 15.51
N ASN B 168 8.45 -8.16 16.26
CA ASN B 168 7.92 -9.46 15.86
C ASN B 168 6.64 -9.31 15.08
N TYR B 169 6.76 -8.61 13.96
CA TYR B 169 5.61 -8.30 13.10
C TYR B 169 5.16 -9.63 12.54
N ALA B 170 3.87 -9.93 12.66
CA ALA B 170 3.39 -11.19 12.12
C ALA B 170 2.24 -11.10 11.12
N GLY B 171 1.98 -12.23 10.51
CA GLY B 171 0.85 -12.38 9.62
C GLY B 171 1.30 -12.50 8.18
N ILE B 172 0.29 -12.45 7.32
CA ILE B 172 0.44 -12.61 5.88
C ILE B 172 1.08 -11.35 5.27
N HIS B 173 2.40 -11.32 5.30
CA HIS B 173 3.11 -10.15 4.89
C HIS B 173 3.17 -9.96 3.40
N ARG B 174 2.79 -10.99 2.66
CA ARG B 174 3.04 -10.96 1.23
C ARG B 174 1.85 -11.43 0.42
N SER B 175 1.97 -11.19 -0.88
CA SER B 175 0.94 -11.47 -1.87
C SER B 175 0.49 -12.91 -1.85
N VAL B 176 -0.81 -13.13 -1.67
CA VAL B 176 -1.31 -14.51 -1.57
C VAL B 176 -2.11 -14.96 -2.81
N LEU B 178 -3.22 -17.67 -6.13
CA LEU B 178 -3.61 -19.04 -6.35
C LEU B 178 -3.49 -19.16 -7.85
N TYR B 179 -3.09 -20.33 -8.34
CA TYR B 179 -2.89 -20.43 -9.77
C TYR B 179 -3.31 -21.66 -10.52
N THR B 180 -3.16 -21.55 -11.83
CA THR B 180 -3.64 -22.51 -12.76
C THR B 180 -2.39 -23.07 -13.37
N THR B 181 -2.48 -24.32 -13.81
CA THR B 181 -1.44 -24.95 -14.65
C THR B 181 -1.94 -26.30 -15.20
N PRO B 182 -1.52 -26.64 -16.45
CA PRO B 182 -1.91 -27.90 -17.10
C PRO B 182 -1.13 -29.07 -16.49
N ASN B 183 -1.63 -30.28 -16.74
CA ASN B 183 -1.23 -31.46 -15.99
C ASN B 183 0.19 -31.97 -16.30
N THR B 184 0.66 -31.67 -17.51
CA THR B 184 2.10 -31.56 -17.79
C THR B 184 2.40 -30.12 -17.46
N TRP B 185 3.33 -29.92 -16.54
CA TRP B 185 3.76 -28.59 -16.13
C TRP B 185 5.22 -28.69 -15.84
N VAL B 186 5.93 -27.63 -16.21
CA VAL B 186 7.27 -27.40 -15.69
C VAL B 186 7.16 -27.33 -14.15
N ASP B 187 8.31 -27.21 -13.52
CA ASP B 187 8.44 -27.24 -12.10
C ASP B 187 9.94 -27.22 -11.85
N ASP B 188 10.31 -26.68 -10.70
CA ASP B 188 11.63 -26.78 -10.08
C ASP B 188 12.90 -26.71 -10.96
N ILE B 189 12.98 -25.69 -11.81
CA ILE B 189 14.12 -25.41 -12.69
C ILE B 189 15.42 -25.13 -11.95
N THR B 190 16.55 -25.19 -12.66
CA THR B 190 17.85 -24.64 -12.18
C THR B 190 18.77 -24.18 -13.32
N VAL B 191 19.33 -22.99 -13.17
CA VAL B 191 20.18 -22.40 -14.21
C VAL B 191 21.44 -21.82 -13.56
N VAL B 192 22.45 -21.51 -14.38
CA VAL B 192 23.60 -20.71 -13.94
C VAL B 192 24.63 -20.54 -15.06
N THR B 193 25.29 -19.38 -15.05
CA THR B 193 26.18 -18.96 -16.13
C THR B 193 27.65 -18.90 -15.69
N HIS B 194 28.50 -19.73 -16.31
CA HIS B 194 29.96 -19.67 -16.08
C HIS B 194 30.52 -18.76 -17.17
N VAL B 195 31.42 -17.86 -16.83
CA VAL B 195 32.01 -17.01 -17.90
C VAL B 195 33.51 -16.73 -17.80
N ALA B 196 34.09 -16.46 -18.97
CA ALA B 196 35.45 -15.96 -19.13
C ALA B 196 35.30 -14.49 -19.54
N GLN B 197 36.42 -13.80 -19.76
CA GLN B 197 36.38 -12.35 -20.14
C GLN B 197 35.79 -12.10 -21.54
N ASP B 198 35.51 -13.20 -22.23
CA ASP B 198 35.06 -13.22 -23.64
C ASP B 198 33.67 -13.87 -23.91
N CYS B 199 33.32 -14.87 -23.08
CA CYS B 199 32.16 -15.77 -23.28
C CYS B 199 31.83 -16.35 -21.87
N ASN B 200 30.76 -17.14 -21.60
CA ASN B 200 29.65 -17.71 -22.45
C ASN B 200 28.86 -18.86 -21.76
N HIS B 201 27.97 -19.50 -22.51
CA HIS B 201 27.59 -20.92 -22.30
C HIS B 201 26.81 -21.45 -21.06
N ALA B 202 25.83 -20.70 -20.57
CA ALA B 202 24.99 -21.12 -19.42
C ALA B 202 24.27 -22.49 -19.54
N SER B 203 23.75 -22.97 -18.39
CA SER B 203 23.31 -24.37 -18.15
C SER B 203 21.81 -24.66 -18.07
N VAL B 204 21.38 -25.71 -18.78
CA VAL B 204 20.00 -26.21 -18.75
C VAL B 204 19.88 -27.33 -17.71
N ASP B 205 18.88 -27.29 -16.85
CA ASP B 205 18.63 -28.45 -15.97
C ASP B 205 17.34 -28.24 -15.22
N TRP B 206 16.49 -29.27 -15.11
CA TRP B 206 15.28 -29.16 -14.26
C TRP B 206 14.38 -30.38 -14.03
N GLN B 207 13.61 -30.30 -12.96
CA GLN B 207 12.65 -31.32 -12.56
C GLN B 207 11.26 -31.06 -13.13
N VAL B 208 11.07 -31.35 -14.41
CA VAL B 208 9.70 -31.45 -14.92
C VAL B 208 9.38 -32.95 -14.97
N VAL B 209 9.04 -33.53 -13.82
CA VAL B 209 8.77 -34.98 -13.78
C VAL B 209 7.34 -35.23 -14.25
N ALA B 210 6.56 -34.15 -14.31
CA ALA B 210 5.20 -34.21 -14.84
C ALA B 210 5.31 -34.50 -16.34
N ASN B 211 4.19 -35.02 -16.90
CA ASN B 211 4.08 -35.68 -18.23
C ASN B 211 4.90 -35.14 -19.43
N GLY B 212 5.65 -34.07 -19.18
CA GLY B 212 6.27 -33.30 -20.24
C GLY B 212 7.52 -33.84 -20.89
N ASP B 213 7.77 -33.29 -22.08
CA ASP B 213 8.94 -33.55 -22.90
C ASP B 213 9.76 -32.25 -22.92
N VAL B 214 10.94 -32.31 -23.51
CA VAL B 214 11.91 -31.24 -23.33
C VAL B 214 11.99 -30.24 -24.48
N SER B 215 11.98 -28.94 -24.16
CA SER B 215 12.26 -27.89 -25.14
C SER B 215 12.75 -26.64 -24.38
N VAL B 216 13.82 -26.02 -24.88
CA VAL B 216 14.49 -24.91 -24.20
C VAL B 216 14.89 -23.83 -25.21
N GLU B 217 14.14 -22.73 -25.24
CA GLU B 217 14.45 -21.59 -26.11
C GLU B 217 14.98 -20.42 -25.26
N LEU B 218 16.26 -20.06 -25.44
CA LEU B 218 16.76 -18.89 -24.75
C LEU B 218 16.72 -17.68 -25.67
N ARG B 219 16.28 -16.55 -25.13
CA ARG B 219 16.16 -15.31 -25.86
C ARG B 219 17.12 -14.25 -25.29
N ASP B 220 17.59 -13.36 -26.15
CA ASP B 220 18.15 -12.10 -25.68
C ASP B 220 16.95 -11.18 -25.49
N ALA B 221 17.23 -9.94 -25.09
CA ALA B 221 16.21 -8.90 -25.06
C ALA B 221 15.49 -8.90 -26.42
N ASP B 222 14.24 -8.42 -26.46
CA ASP B 222 13.51 -8.10 -27.71
C ASP B 222 13.15 -9.26 -28.67
N GLN B 223 12.88 -10.45 -28.16
CA GLN B 223 12.31 -11.51 -29.00
C GLN B 223 13.21 -11.97 -30.16
N GLN B 224 14.48 -12.20 -29.86
CA GLN B 224 15.43 -12.86 -30.77
C GLN B 224 15.98 -14.15 -30.14
N VAL B 225 15.50 -15.29 -30.64
CA VAL B 225 15.95 -16.62 -30.17
C VAL B 225 17.44 -16.77 -30.50
N VAL B 226 18.27 -17.05 -29.50
CA VAL B 226 19.71 -17.25 -29.76
C VAL B 226 20.29 -18.45 -29.01
N ALA B 227 20.93 -19.34 -29.77
CA ALA B 227 21.71 -20.45 -29.22
C ALA B 227 20.93 -21.41 -28.30
N THR B 228 20.03 -22.17 -28.91
CA THR B 228 19.10 -23.01 -28.17
C THR B 228 19.32 -24.53 -28.35
N GLY B 229 19.59 -25.22 -27.24
CA GLY B 229 19.84 -26.67 -27.24
C GLY B 229 18.79 -27.42 -26.45
N GLN B 230 18.19 -28.47 -27.03
CA GLN B 230 16.94 -29.05 -26.50
C GLN B 230 17.00 -30.49 -25.99
N GLY B 231 17.55 -30.64 -24.79
CA GLY B 231 17.48 -31.88 -23.99
C GLY B 231 17.52 -31.39 -22.55
N THR B 232 16.82 -32.07 -21.63
CA THR B 232 16.62 -31.51 -20.27
C THR B 232 17.83 -30.76 -19.64
N SER B 233 19.08 -31.13 -19.97
CA SER B 233 20.23 -30.56 -19.24
C SER B 233 21.44 -30.02 -20.03
N GLY B 234 21.45 -30.15 -21.35
CA GLY B 234 22.63 -29.72 -22.09
C GLY B 234 22.89 -28.22 -22.07
N THR B 235 24.13 -27.84 -21.73
CA THR B 235 24.55 -26.44 -21.70
C THR B 235 24.34 -25.72 -23.05
N LEU B 236 24.45 -24.40 -23.07
CA LEU B 236 24.13 -23.58 -24.26
C LEU B 236 25.36 -22.79 -24.64
N GLN B 237 25.20 -21.81 -25.53
CA GLN B 237 26.36 -21.07 -26.05
C GLN B 237 26.15 -19.56 -26.24
N VAL B 238 27.23 -18.78 -26.30
CA VAL B 238 27.15 -17.37 -26.79
C VAL B 238 28.11 -17.08 -27.94
N VAL B 239 27.51 -16.68 -29.07
CA VAL B 239 28.22 -16.16 -30.26
C VAL B 239 29.26 -15.08 -29.83
N ASN B 240 28.81 -14.19 -28.94
CA ASN B 240 29.57 -13.21 -28.15
C ASN B 240 28.48 -12.64 -27.19
N PRO B 241 28.84 -12.30 -25.92
CA PRO B 241 27.73 -11.98 -25.01
C PRO B 241 27.68 -10.54 -24.52
N HIS B 242 26.45 -10.10 -24.21
CA HIS B 242 26.16 -8.84 -23.51
C HIS B 242 25.80 -9.24 -22.08
N LEU B 243 26.76 -9.01 -21.18
CA LEU B 243 26.78 -9.69 -19.89
C LEU B 243 26.23 -8.85 -18.74
N TRP B 244 25.54 -9.53 -17.82
CA TRP B 244 24.93 -8.96 -16.61
C TRP B 244 25.89 -8.01 -15.84
N GLN B 245 25.60 -6.71 -15.88
CA GLN B 245 26.44 -5.74 -15.19
C GLN B 245 25.64 -4.95 -14.13
N PRO B 246 26.28 -4.61 -13.00
CA PRO B 246 25.57 -3.94 -11.92
C PRO B 246 24.97 -2.59 -12.36
N GLY B 247 25.61 -1.95 -13.34
CA GLY B 247 25.10 -0.71 -13.89
C GLY B 247 23.82 -0.95 -14.66
N GLU B 248 23.73 -2.10 -15.35
CA GLU B 248 22.66 -2.37 -16.31
C GLU B 248 21.81 -3.62 -16.10
N GLY B 249 22.39 -4.71 -15.62
CA GLY B 249 21.63 -5.94 -15.41
C GLY B 249 20.93 -6.55 -16.62
N TYR B 250 21.51 -6.38 -17.81
CA TYR B 250 20.98 -7.01 -19.02
C TYR B 250 20.70 -8.46 -18.71
N LEU B 251 19.47 -8.92 -18.91
CA LEU B 251 19.19 -10.33 -18.72
C LEU B 251 18.47 -10.99 -19.89
N TYR B 252 18.79 -12.27 -20.10
CA TYR B 252 18.22 -13.07 -21.16
C TYR B 252 16.91 -13.64 -20.67
N GLU B 253 16.14 -14.20 -21.60
CA GLU B 253 14.90 -14.85 -21.25
C GLU B 253 14.89 -16.18 -21.97
N LEU B 254 14.97 -17.27 -21.21
CA LEU B 254 14.83 -18.58 -21.80
C LEU B 254 13.54 -19.23 -21.37
N CYS B 255 12.73 -19.55 -22.36
CA CYS B 255 11.43 -20.16 -22.13
C CYS B 255 11.53 -21.69 -22.12
N VAL B 256 11.62 -22.23 -20.91
CA VAL B 256 11.50 -23.65 -20.68
C VAL B 256 10.22 -24.10 -21.37
N THR B 257 10.27 -25.30 -21.96
CA THR B 257 9.17 -25.88 -22.72
C THR B 257 8.99 -27.37 -22.45
N ALA B 258 7.87 -27.72 -21.84
CA ALA B 258 7.53 -29.10 -21.51
C ALA B 258 6.45 -29.57 -22.45
N LYS B 259 6.83 -30.45 -23.40
CA LYS B 259 5.90 -30.94 -24.46
C LYS B 259 5.07 -32.19 -24.06
N SER B 260 3.85 -32.29 -24.61
CA SER B 260 2.95 -33.45 -24.37
C SER B 260 1.87 -33.70 -25.48
N GLN B 261 1.35 -34.93 -25.50
CA GLN B 261 0.22 -35.31 -26.37
C GLN B 261 -1.03 -34.67 -25.76
N THR B 262 -0.94 -34.41 -24.47
CA THR B 262 -2.01 -33.76 -23.72
C THR B 262 -1.55 -32.46 -22.98
N GLU B 263 -1.94 -31.31 -23.55
CA GLU B 263 -1.80 -29.95 -22.96
C GLU B 263 -0.42 -29.41 -22.54
N CYS B 264 0.55 -29.40 -23.45
CA CYS B 264 1.92 -28.88 -23.21
C CYS B 264 2.05 -27.44 -22.61
N ASP B 265 2.96 -27.27 -21.63
CA ASP B 265 3.13 -26.00 -20.86
C ASP B 265 4.45 -25.25 -21.10
N ILE B 266 4.33 -23.99 -21.47
CA ILE B 266 5.49 -23.15 -21.71
C ILE B 266 5.66 -22.16 -20.58
N TYR B 267 6.89 -21.96 -20.13
CA TYR B 267 7.20 -21.10 -18.99
C TYR B 267 8.30 -20.10 -19.37
N PRO B 268 8.16 -18.84 -18.92
CA PRO B 268 9.20 -17.80 -19.08
C PRO B 268 10.02 -17.59 -17.77
N LEU B 269 11.32 -17.83 -17.83
CA LEU B 269 12.16 -17.49 -16.70
C LEU B 269 13.37 -16.80 -17.26
N ARG B 270 13.67 -15.63 -16.72
CA ARG B 270 14.81 -14.89 -17.22
C ARG B 270 16.04 -15.23 -16.43
N VAL B 271 17.19 -14.83 -16.97
CA VAL B 271 18.47 -15.22 -16.40
C VAL B 271 19.61 -14.28 -16.81
N GLY B 272 20.60 -14.17 -15.93
CA GLY B 272 21.64 -13.18 -16.09
C GLY B 272 23.00 -13.81 -15.93
N ILE B 273 23.89 -13.39 -16.82
CA ILE B 273 25.24 -13.91 -16.93
C ILE B 273 26.11 -13.45 -15.75
N ARG B 274 25.85 -14.00 -14.55
CA ARG B 274 26.57 -13.54 -13.34
C ARG B 274 27.89 -14.30 -13.16
N SER B 275 28.98 -13.55 -13.00
CA SER B 275 30.25 -14.16 -12.70
C SER B 275 30.61 -14.08 -11.19
N VAL B 276 30.02 -14.98 -10.38
CA VAL B 276 30.17 -14.97 -8.90
C VAL B 276 31.10 -16.05 -8.29
N ALA B 277 32.25 -15.61 -7.79
CA ALA B 277 33.19 -16.45 -7.05
C ALA B 277 34.14 -15.51 -6.35
N VAL B 278 34.91 -16.03 -5.38
CA VAL B 278 35.92 -15.19 -4.69
C VAL B 278 37.32 -15.50 -5.24
N LYS B 279 38.24 -14.55 -5.11
CA LYS B 279 39.63 -14.81 -5.49
C LYS B 279 40.58 -14.07 -4.55
N GLY B 280 41.15 -14.83 -3.61
CA GLY B 280 42.03 -14.32 -2.57
C GLY B 280 41.31 -13.50 -1.51
N GLU B 281 41.53 -12.20 -1.56
CA GLU B 281 40.95 -11.21 -0.64
C GLU B 281 40.11 -10.12 -1.38
N GLN B 282 39.61 -10.48 -2.57
CA GLN B 282 38.91 -9.56 -3.46
C GLN B 282 37.66 -10.19 -4.05
N PHE B 283 36.62 -9.35 -4.26
CA PHE B 283 35.29 -9.82 -4.72
C PHE B 283 34.98 -9.45 -6.17
N LEU B 284 34.89 -10.48 -6.99
CA LEU B 284 34.75 -10.32 -8.43
C LEU B 284 33.53 -11.03 -9.01
N ILE B 285 32.91 -10.30 -9.93
CA ILE B 285 31.81 -10.73 -10.77
C ILE B 285 32.22 -10.25 -12.15
N ASN B 286 31.84 -10.99 -13.18
CA ASN B 286 32.33 -10.77 -14.54
C ASN B 286 33.83 -10.47 -14.43
N HIS B 287 34.48 -11.24 -13.56
CA HIS B 287 35.91 -11.20 -13.32
C HIS B 287 36.51 -9.81 -13.06
N LYS B 288 35.82 -8.99 -12.30
CA LYS B 288 36.43 -7.73 -11.90
C LYS B 288 36.20 -7.51 -10.42
N PRO B 289 37.17 -6.88 -9.74
CA PRO B 289 37.12 -6.56 -8.31
C PRO B 289 36.34 -5.25 -7.97
N PHE B 290 35.03 -5.39 -7.77
CA PHE B 290 34.18 -4.23 -7.48
C PHE B 290 33.85 -4.09 -5.99
N TYR B 291 33.17 -2.98 -5.68
CA TYR B 291 32.85 -2.57 -4.31
C TYR B 291 31.36 -2.69 -4.03
N PHE B 292 31.03 -3.10 -2.81
CA PHE B 292 29.64 -3.02 -2.37
C PHE B 292 29.36 -1.66 -1.74
N THR B 293 28.20 -1.06 -2.04
CA THR B 293 27.88 0.30 -1.57
C THR B 293 26.59 0.50 -0.78
N GLY B 294 25.97 -0.52 -0.20
CA GLY B 294 24.59 -0.33 0.25
C GLY B 294 24.32 -0.09 1.72
N PHE B 295 23.04 -0.26 2.08
CA PHE B 295 22.65 -0.29 3.47
C PHE B 295 22.29 -1.74 3.84
N GLY B 296 22.23 -2.03 5.14
CA GLY B 296 21.45 -3.15 5.59
C GLY B 296 20.02 -2.64 5.49
N ARG B 297 19.11 -3.48 5.05
CA ARG B 297 17.73 -3.03 4.90
C ARG B 297 16.85 -3.64 5.98
N HIS B 298 15.58 -3.28 5.93
CA HIS B 298 14.56 -4.04 6.61
C HIS B 298 13.25 -3.92 5.88
N GLU B 299 12.39 -4.92 6.08
CA GLU B 299 11.00 -4.87 5.65
C GLU B 299 10.21 -4.30 6.80
N ASP B 300 10.16 -2.97 6.85
CA ASP B 300 9.47 -2.27 7.92
C ASP B 300 8.95 -1.02 7.34
N ALA B 301 7.64 -0.90 7.37
CA ALA B 301 6.97 0.33 6.94
C ALA B 301 5.85 0.78 7.92
N ASP B 302 5.60 2.08 7.85
CA ASP B 302 4.78 2.76 8.82
C ASP B 302 3.43 2.14 9.12
N LEU B 303 2.67 1.59 8.19
CA LEU B 303 1.40 1.15 8.73
C LEU B 303 1.15 -0.34 8.65
N ARG B 304 1.56 -0.91 7.52
CA ARG B 304 1.60 -2.35 7.36
C ARG B 304 3.06 -2.68 7.51
N GLY B 305 3.47 -3.18 8.67
CA GLY B 305 4.89 -3.40 8.88
C GLY B 305 5.22 -4.71 8.21
N LYS B 306 6.48 -4.88 7.80
CA LYS B 306 6.96 -6.16 7.23
C LYS B 306 6.04 -6.68 6.15
N GLY B 307 5.32 -5.81 5.46
CA GLY B 307 4.23 -6.23 4.58
C GLY B 307 4.61 -5.62 3.27
N PHE B 308 4.00 -6.05 2.18
CA PHE B 308 4.50 -5.56 0.92
C PHE B 308 3.79 -4.32 0.38
N ASP B 309 4.55 -3.43 -0.24
CA ASP B 309 3.97 -2.30 -0.93
C ASP B 309 4.76 -1.97 -2.19
N ASN B 310 4.10 -2.10 -3.36
CA ASN B 310 4.63 -1.56 -4.59
C ASN B 310 5.21 -0.13 -4.53
N VAL B 311 4.49 0.81 -3.89
CA VAL B 311 4.99 2.18 -3.71
C VAL B 311 6.34 2.22 -2.95
N LEU B 312 6.37 1.67 -1.74
CA LEU B 312 7.57 1.63 -0.94
C LEU B 312 8.74 1.14 -1.74
N VAL B 314 9.10 1.24 -5.16
CA VAL B 314 9.46 2.13 -6.25
C VAL B 314 10.27 3.26 -5.74
N HIS B 315 9.85 3.72 -4.54
CA HIS B 315 10.38 4.88 -3.79
C HIS B 315 11.75 4.64 -3.11
N ASP B 316 11.82 3.63 -2.25
CA ASP B 316 13.06 3.33 -1.54
C ASP B 316 14.13 3.13 -2.59
N HIS B 317 13.78 2.35 -3.60
CA HIS B 317 14.71 2.07 -4.66
C HIS B 317 15.16 3.38 -5.32
N ALA B 318 14.26 4.33 -5.44
CA ALA B 318 14.60 5.62 -5.99
C ALA B 318 15.59 6.34 -5.10
N LEU B 319 15.44 6.11 -3.80
CA LEU B 319 16.35 6.70 -2.81
C LEU B 319 17.77 6.20 -2.98
N ASP B 321 19.03 4.51 -5.56
CA ASP B 321 19.49 5.05 -6.83
C ASP B 321 20.14 6.43 -6.68
N TRP B 322 19.38 7.38 -6.17
CA TRP B 322 19.86 8.76 -5.99
C TRP B 322 21.16 8.84 -5.16
N ILE B 323 21.23 8.02 -4.09
CA ILE B 323 22.21 8.16 -3.00
C ILE B 323 23.45 7.32 -3.23
N GLY B 324 23.42 6.53 -4.31
CA GLY B 324 24.58 5.80 -4.81
C GLY B 324 24.92 4.48 -4.17
N ALA B 325 23.94 3.72 -3.72
CA ALA B 325 24.19 2.38 -3.21
C ALA B 325 23.81 1.41 -4.29
N ASN B 326 24.68 0.44 -4.58
CA ASN B 326 24.38 -0.59 -5.59
C ASN B 326 23.95 -1.96 -5.02
N SER B 327 23.75 -2.01 -3.70
CA SER B 327 23.67 -3.30 -3.03
C SER B 327 22.95 -3.18 -1.74
N TYR B 328 22.61 -4.34 -1.18
CA TYR B 328 22.11 -4.43 0.19
C TYR B 328 21.88 -5.88 0.64
N ARG B 329 21.86 -6.12 1.94
CA ARG B 329 21.49 -7.46 2.36
C ARG B 329 20.03 -7.49 2.71
N THR B 330 19.29 -8.45 2.18
CA THR B 330 18.01 -8.65 2.80
C THR B 330 18.44 -8.93 4.23
N SER B 331 18.06 -8.15 5.23
CA SER B 331 18.64 -8.41 6.54
C SER B 331 17.76 -9.21 7.48
N HIS B 332 18.36 -10.24 8.06
CA HIS B 332 17.77 -11.05 9.15
C HIS B 332 16.51 -11.76 8.76
N TYR B 333 16.27 -11.83 7.46
CA TYR B 333 15.23 -12.65 6.86
C TYR B 333 15.33 -12.42 5.36
N PRO B 334 14.74 -13.35 4.58
CA PRO B 334 14.44 -13.26 3.16
C PRO B 334 13.36 -12.22 2.92
N TYR B 335 13.50 -11.46 1.84
CA TYR B 335 12.43 -10.58 1.39
C TYR B 335 11.43 -11.27 0.41
N ALA B 336 10.63 -10.47 -0.26
CA ALA B 336 9.83 -10.94 -1.40
C ALA B 336 10.29 -10.13 -2.59
N GLU B 337 10.45 -10.75 -3.77
CA GLU B 337 10.32 -10.07 -5.10
C GLU B 337 10.76 -8.61 -5.38
N GLU B 338 11.79 -8.17 -4.67
CA GLU B 338 12.51 -6.99 -5.00
C GLU B 338 13.72 -7.60 -5.65
N LEU B 340 13.79 -10.31 -7.83
CA LEU B 340 13.70 -10.58 -9.23
C LEU B 340 13.60 -9.22 -9.88
N ASP B 341 12.56 -8.48 -9.51
CA ASP B 341 12.32 -7.23 -10.17
C ASP B 341 13.59 -6.39 -10.08
N TRP B 342 13.80 -5.76 -8.95
CA TRP B 342 14.65 -4.62 -9.05
C TRP B 342 16.11 -4.93 -9.28
N ALA B 343 16.65 -5.82 -8.46
CA ALA B 343 18.07 -6.15 -8.50
C ALA B 343 18.52 -6.62 -9.89
N ASP B 344 17.75 -7.54 -10.45
CA ASP B 344 17.94 -7.96 -11.83
C ASP B 344 17.94 -6.77 -12.77
N GLU B 345 16.77 -6.16 -12.94
CA GLU B 345 16.62 -5.11 -13.93
C GLU B 345 17.64 -3.99 -13.85
N HIS B 346 17.98 -3.56 -12.63
CA HIS B 346 18.88 -2.40 -12.43
C HIS B 346 20.28 -2.81 -12.02
N GLY B 347 20.52 -4.12 -12.04
CA GLY B 347 21.81 -4.67 -11.65
C GLY B 347 22.14 -4.22 -10.24
N ILE B 348 21.28 -4.58 -9.31
CA ILE B 348 21.52 -4.21 -7.94
C ILE B 348 21.94 -5.51 -7.30
N VAL B 349 23.08 -5.48 -6.64
CA VAL B 349 23.60 -6.73 -6.08
C VAL B 349 23.18 -6.98 -4.65
N VAL B 350 22.48 -8.09 -4.46
CA VAL B 350 21.98 -8.41 -3.14
C VAL B 350 22.75 -9.59 -2.54
N ILE B 351 22.91 -9.53 -1.23
CA ILE B 351 23.48 -10.56 -0.40
C ILE B 351 22.41 -11.27 0.43
N ASP B 352 21.68 -12.22 -0.18
CA ASP B 352 20.64 -12.99 0.55
C ASP B 352 21.00 -13.43 1.99
N GLU B 353 20.15 -13.09 2.96
CA GLU B 353 20.33 -13.58 4.33
C GLU B 353 19.23 -14.53 4.69
N THR B 354 19.34 -15.15 5.87
CA THR B 354 18.29 -16.03 6.35
C THR B 354 17.70 -15.46 7.60
N ALA B 355 16.50 -15.91 7.98
CA ALA B 355 15.91 -15.43 9.22
C ALA B 355 16.64 -16.21 10.28
N ALA B 356 17.95 -16.03 10.31
CA ALA B 356 18.79 -16.68 11.28
C ALA B 356 19.47 -15.54 12.03
N VAL B 357 18.98 -15.29 13.22
CA VAL B 357 19.40 -14.15 14.00
C VAL B 357 18.98 -14.38 15.45
N GLY B 358 19.75 -13.80 16.37
CA GLY B 358 19.39 -13.80 17.79
C GLY B 358 19.77 -15.09 18.50
N PHE B 359 21.01 -15.51 18.26
CA PHE B 359 21.57 -16.69 18.89
C PHE B 359 22.44 -16.35 20.11
N ASN B 360 22.06 -15.32 20.88
CA ASN B 360 22.76 -15.00 22.15
C ASN B 360 21.87 -14.76 23.36
N LEU B 361 22.45 -15.01 24.54
CA LEU B 361 22.00 -14.37 25.76
C LEU B 361 23.00 -13.22 26.05
N SER B 362 23.94 -13.05 25.11
CA SER B 362 25.22 -12.37 25.36
C SER B 362 25.18 -10.83 25.34
N LEU B 363 24.16 -10.22 24.73
CA LEU B 363 24.10 -8.74 24.73
C LEU B 363 22.86 -8.11 25.38
N GLY B 364 22.98 -7.75 26.66
CA GLY B 364 22.06 -6.77 27.26
C GLY B 364 22.70 -5.44 26.86
N ILE B 365 22.27 -4.91 25.70
CA ILE B 365 22.90 -3.72 25.07
C ILE B 365 22.45 -3.55 23.61
N LYS B 374 20.06 -14.55 32.97
CA LYS B 374 18.66 -14.14 33.01
C LYS B 374 17.71 -15.11 33.81
N GLU B 375 17.61 -16.39 33.42
CA GLU B 375 18.52 -17.05 32.46
C GLU B 375 17.89 -17.40 31.10
N LEU B 376 18.73 -17.91 30.21
CA LEU B 376 18.31 -18.61 29.00
C LEU B 376 19.19 -19.84 28.66
N TYR B 377 18.58 -20.76 27.87
CA TYR B 377 19.19 -21.96 27.30
C TYR B 377 20.63 -21.70 26.78
N SER B 378 21.53 -22.67 26.99
CA SER B 378 22.93 -22.56 26.54
C SER B 378 23.40 -23.78 25.71
N GLU B 379 23.02 -23.83 24.43
CA GLU B 379 23.44 -24.91 23.51
C GLU B 379 22.94 -26.37 23.74
N GLU B 380 22.14 -26.60 24.80
CA GLU B 380 21.35 -27.85 24.85
C GLU B 380 20.15 -27.67 23.94
N ALA B 381 19.55 -26.47 23.93
CA ALA B 381 18.76 -25.93 22.77
C ALA B 381 19.74 -25.30 21.76
N VAL B 382 19.25 -24.62 20.72
CA VAL B 382 20.11 -24.35 19.55
C VAL B 382 20.89 -25.67 19.28
N ASN B 383 20.13 -26.75 19.08
CA ASN B 383 20.59 -28.13 19.10
C ASN B 383 20.36 -28.79 17.74
N GLY B 384 20.13 -30.11 17.79
CA GLY B 384 19.73 -30.92 16.61
C GLY B 384 18.43 -30.54 15.89
N GLU B 385 17.28 -30.55 16.60
CA GLU B 385 15.99 -30.15 16.01
C GLU B 385 16.03 -28.69 15.49
N THR B 386 16.93 -27.88 16.06
CA THR B 386 17.07 -26.50 15.63
C THR B 386 18.07 -26.35 14.51
N GLN B 387 19.14 -27.16 14.50
CA GLN B 387 20.09 -27.15 13.37
C GLN B 387 19.41 -27.69 12.13
N GLN B 388 18.59 -28.72 12.34
CA GLN B 388 17.89 -29.37 11.23
C GLN B 388 16.90 -28.38 10.66
N ALA B 389 16.24 -27.63 11.54
CA ALA B 389 15.35 -26.54 11.14
C ALA B 389 16.11 -25.42 10.42
N HIS B 390 17.32 -25.13 10.92
CA HIS B 390 18.21 -24.15 10.32
C HIS B 390 18.63 -24.70 8.98
N LEU B 391 18.77 -26.02 8.92
CA LEU B 391 19.05 -26.71 7.66
C LEU B 391 17.93 -26.36 6.66
N GLN B 392 16.68 -26.65 7.07
CA GLN B 392 15.51 -26.49 6.21
C GLN B 392 15.27 -25.05 5.79
N ALA B 393 15.82 -24.13 6.58
CA ALA B 393 15.72 -22.70 6.32
C ALA B 393 16.62 -22.41 5.16
N ILE B 394 17.78 -23.04 5.14
CA ILE B 394 18.70 -22.81 4.05
C ILE B 394 18.24 -23.57 2.82
N LYS B 395 17.64 -24.74 3.02
CA LYS B 395 16.92 -25.41 1.93
C LYS B 395 15.99 -24.38 1.27
N GLU B 396 14.95 -24.01 2.01
CA GLU B 396 13.85 -23.21 1.48
C GLU B 396 14.34 -21.93 0.82
N LEU B 397 15.45 -21.39 1.31
CA LEU B 397 15.95 -20.11 0.82
C LEU B 397 16.75 -20.24 -0.47
N ILE B 398 17.51 -21.31 -0.63
CA ILE B 398 18.19 -21.56 -1.92
C ILE B 398 17.19 -21.99 -3.03
N ALA B 399 16.12 -22.65 -2.59
CA ALA B 399 15.05 -23.07 -3.46
C ALA B 399 14.61 -21.90 -4.29
N ARG B 400 14.45 -20.74 -3.62
CA ARG B 400 13.80 -19.52 -4.16
C ARG B 400 14.65 -18.62 -5.09
N ASP B 401 15.87 -18.29 -4.65
CA ASP B 401 16.70 -17.26 -5.32
C ASP B 401 17.91 -17.84 -6.04
N LYS B 402 17.87 -19.14 -6.35
CA LYS B 402 19.01 -19.82 -6.94
C LYS B 402 19.24 -19.38 -8.37
N ASN B 403 18.25 -18.71 -8.93
CA ASN B 403 18.37 -18.18 -10.29
C ASN B 403 18.84 -16.72 -10.27
N HIS B 404 18.22 -15.95 -9.34
CA HIS B 404 18.31 -14.50 -9.27
C HIS B 404 19.75 -14.00 -9.37
N PRO B 405 20.03 -13.26 -10.46
CA PRO B 405 21.31 -12.69 -10.85
C PRO B 405 21.85 -11.69 -9.82
N SER B 406 21.02 -11.35 -8.86
CA SER B 406 21.33 -10.29 -7.93
C SER B 406 21.85 -10.93 -6.69
N VAL B 407 21.60 -12.22 -6.56
CA VAL B 407 22.15 -12.99 -5.46
C VAL B 407 23.64 -13.37 -5.70
N VAL B 408 24.50 -12.82 -4.85
CA VAL B 408 25.93 -13.03 -4.98
C VAL B 408 26.54 -13.73 -3.76
N TRP B 410 25.25 -16.26 0.03
CA TRP B 410 24.20 -16.67 0.95
C TRP B 410 24.74 -16.48 2.40
N SER B 411 24.31 -15.40 3.03
CA SER B 411 24.49 -15.23 4.45
C SER B 411 23.60 -16.26 5.10
N ILE B 412 24.16 -17.05 5.99
CA ILE B 412 23.41 -18.13 6.59
C ILE B 412 22.85 -17.78 7.95
N ALA B 413 23.50 -16.81 8.60
CA ALA B 413 23.05 -16.27 9.87
C ALA B 413 23.73 -14.93 10.19
N ASN B 414 23.02 -14.12 10.95
CA ASN B 414 23.52 -12.82 11.37
C ASN B 414 23.84 -12.84 12.87
N GLU B 415 24.90 -12.12 13.24
CA GLU B 415 25.34 -12.01 14.63
C GLU B 415 25.33 -13.33 15.42
N PRO B 416 25.99 -14.38 14.90
CA PRO B 416 25.95 -15.62 15.64
C PRO B 416 27.07 -15.66 16.68
N ASP B 417 26.71 -16.15 17.86
CA ASP B 417 27.62 -16.33 18.99
C ASP B 417 28.52 -17.53 18.72
N THR B 418 29.82 -17.32 18.91
CA THR B 418 30.80 -18.28 18.41
C THR B 418 31.74 -18.88 19.49
N ARG B 419 31.64 -18.35 20.70
CA ARG B 419 32.50 -18.78 21.80
C ARG B 419 31.89 -19.85 22.71
N PRO B 420 30.66 -19.62 23.22
CA PRO B 420 30.24 -20.57 24.25
C PRO B 420 30.12 -22.00 23.70
N GLN B 421 30.68 -22.97 24.44
CA GLN B 421 30.41 -24.40 24.27
C GLN B 421 30.57 -24.94 22.85
N GLY B 422 29.48 -25.48 22.31
CA GLY B 422 29.53 -26.34 21.14
C GLY B 422 29.30 -25.70 19.78
N ALA B 423 29.89 -24.52 19.59
CA ALA B 423 29.63 -23.68 18.41
C ALA B 423 30.22 -24.15 17.07
N ARG B 424 31.53 -24.36 17.00
CA ARG B 424 32.18 -24.87 15.77
C ARG B 424 31.40 -26.09 15.20
N GLU B 425 30.80 -26.84 16.12
CA GLU B 425 30.30 -28.18 15.85
C GLU B 425 28.90 -28.26 15.21
N TYR B 426 27.93 -27.53 15.80
CA TYR B 426 26.62 -27.24 15.18
C TYR B 426 26.76 -26.59 13.79
N PHE B 427 27.73 -25.69 13.66
CA PHE B 427 27.77 -24.76 12.54
C PHE B 427 28.40 -25.26 11.25
N ALA B 428 29.62 -25.80 11.33
CA ALA B 428 30.34 -26.29 10.12
C ALA B 428 29.55 -27.26 9.22
N PRO B 429 28.80 -28.21 9.82
CA PRO B 429 28.03 -29.10 8.97
C PRO B 429 27.06 -28.37 8.04
N LEU B 430 26.56 -27.19 8.48
CA LEU B 430 25.65 -26.32 7.70
C LEU B 430 26.40 -25.52 6.62
N ALA B 431 27.60 -25.05 6.92
CA ALA B 431 28.48 -24.60 5.86
C ALA B 431 28.62 -25.69 4.77
N GLU B 432 28.81 -26.95 5.20
CA GLU B 432 29.05 -28.11 4.32
C GLU B 432 27.79 -28.67 3.60
N ALA B 433 26.60 -28.31 4.09
CA ALA B 433 25.34 -28.68 3.40
C ALA B 433 25.00 -27.69 2.27
N THR B 434 24.89 -26.42 2.65
CA THR B 434 24.64 -25.32 1.71
C THR B 434 25.59 -25.36 0.51
N ARG B 435 26.90 -25.43 0.81
CA ARG B 435 27.90 -25.71 -0.20
C ARG B 435 27.33 -26.70 -1.22
N LYS B 436 26.74 -27.78 -0.70
CA LYS B 436 26.23 -28.87 -1.55
C LYS B 436 24.94 -28.52 -2.27
N LEU B 437 24.40 -27.34 -1.98
CA LEU B 437 23.16 -26.87 -2.59
C LEU B 437 23.35 -25.72 -3.60
N ASP B 438 24.44 -24.98 -3.43
CA ASP B 438 24.95 -24.06 -4.42
C ASP B 438 26.46 -23.99 -4.23
N PRO B 439 27.24 -24.32 -5.28
CA PRO B 439 28.66 -23.92 -5.27
C PRO B 439 28.90 -22.82 -6.30
N THR B 440 27.83 -22.33 -6.92
CA THR B 440 27.94 -21.28 -7.93
C THR B 440 28.28 -19.91 -7.27
N ARG B 441 27.60 -19.63 -6.15
CA ARG B 441 27.79 -18.39 -5.36
C ARG B 441 28.37 -18.70 -3.98
N PRO B 442 29.48 -18.02 -3.63
CA PRO B 442 30.12 -18.19 -2.36
C PRO B 442 29.16 -17.91 -1.22
N ILE B 443 29.32 -18.68 -0.15
CA ILE B 443 28.61 -18.50 1.08
C ILE B 443 29.34 -17.57 2.11
N THR B 444 28.57 -16.93 3.02
CA THR B 444 29.09 -16.13 4.17
C THR B 444 28.32 -16.22 5.51
N CYS B 445 28.87 -15.49 6.48
CA CYS B 445 28.28 -15.35 7.79
C CYS B 445 28.77 -14.04 8.41
N VAL B 446 27.95 -13.49 9.30
CA VAL B 446 28.05 -12.10 9.74
C VAL B 446 28.45 -12.03 11.21
N ASN B 447 29.58 -11.36 11.46
CA ASN B 447 30.22 -11.41 12.77
C ASN B 447 29.69 -10.40 13.77
N VAL B 448 29.86 -10.73 15.04
CA VAL B 448 29.63 -9.78 16.12
C VAL B 448 30.97 -9.14 16.53
N PHE B 450 33.18 -9.94 19.00
CA PHE B 450 34.38 -10.73 19.36
C PHE B 450 35.27 -11.10 18.16
N CYS B 451 36.58 -10.85 18.30
CA CYS B 451 37.46 -10.68 17.13
C CYS B 451 38.76 -11.50 17.02
N ASP B 452 39.44 -11.67 18.17
CA ASP B 452 40.84 -12.10 18.20
C ASP B 452 41.02 -13.52 17.69
N ALA B 453 41.57 -13.61 16.46
CA ALA B 453 41.67 -14.87 15.69
C ALA B 453 40.35 -15.63 15.86
N HIS B 454 39.22 -14.91 15.73
CA HIS B 454 38.06 -15.30 16.54
C HIS B 454 36.73 -15.73 15.94
N THR B 455 36.44 -17.00 16.23
CA THR B 455 35.16 -17.61 16.10
C THR B 455 35.75 -18.98 16.26
N ASP B 456 35.05 -19.95 16.84
CA ASP B 456 35.58 -21.29 16.64
C ASP B 456 35.07 -21.76 15.26
N THR B 457 33.96 -21.16 14.84
CA THR B 457 33.19 -21.67 13.71
C THR B 457 33.25 -20.86 12.41
N ILE B 458 33.40 -19.55 12.53
CA ILE B 458 33.13 -18.67 11.40
C ILE B 458 34.37 -18.46 10.58
N SER B 459 35.46 -18.26 11.29
CA SER B 459 36.74 -17.97 10.66
C SER B 459 36.96 -18.73 9.32
N ASP B 460 37.01 -20.06 9.41
CA ASP B 460 37.54 -20.86 8.31
C ASP B 460 36.54 -21.04 7.20
N LEU B 461 35.37 -21.54 7.58
CA LEU B 461 34.44 -22.18 6.65
C LEU B 461 33.86 -21.28 5.54
N PHE B 462 33.90 -19.97 5.75
CA PHE B 462 33.22 -19.01 4.88
C PHE B 462 34.14 -18.22 3.99
N ASP B 463 33.59 -17.74 2.89
CA ASP B 463 34.37 -17.24 1.75
C ASP B 463 34.65 -15.74 1.79
N VAL B 464 33.71 -14.96 2.32
CA VAL B 464 33.90 -13.51 2.60
C VAL B 464 33.38 -13.16 3.98
N LEU B 465 34.29 -12.99 4.93
CA LEU B 465 33.89 -12.64 6.26
C LEU B 465 33.13 -11.35 6.18
N CYS B 466 31.92 -11.35 6.77
CA CYS B 466 31.07 -10.15 6.84
C CYS B 466 30.88 -9.61 8.27
N LEU B 467 31.58 -8.54 8.59
CA LEU B 467 31.67 -8.00 9.96
C LEU B 467 31.01 -6.65 10.11
N ASN B 468 30.02 -6.60 10.99
CA ASN B 468 29.24 -5.40 11.19
C ASN B 468 29.33 -4.89 12.62
N ARG B 469 30.05 -3.80 12.83
CA ARG B 469 30.14 -3.30 14.19
C ARG B 469 29.98 -1.77 14.39
N TYR B 470 30.01 -1.35 15.66
CA TYR B 470 29.86 0.07 16.08
C TYR B 470 30.94 0.48 17.12
N TYR B 471 32.14 0.83 16.59
CA TYR B 471 33.43 0.80 17.31
C TYR B 471 33.66 1.95 18.29
N GLY B 472 32.81 2.97 18.21
CA GLY B 472 32.77 4.04 19.22
C GLY B 472 31.36 4.27 19.74
N TRP B 473 30.50 3.24 19.59
CA TRP B 473 29.08 3.35 19.92
C TRP B 473 28.63 2.82 21.30
N TYR B 474 28.62 1.50 21.50
CA TYR B 474 28.21 0.99 22.81
C TYR B 474 29.38 0.84 23.78
N VAL B 475 30.58 1.03 23.25
CA VAL B 475 31.80 1.14 24.04
C VAL B 475 32.60 2.22 23.30
N GLN B 476 33.43 2.96 24.03
CA GLN B 476 34.17 4.11 23.47
C GLN B 476 33.22 5.22 23.05
N SER B 477 32.18 5.38 23.85
CA SER B 477 31.05 6.22 23.49
C SER B 477 31.49 7.57 23.00
N GLY B 478 31.41 7.76 21.69
CA GLY B 478 31.72 9.05 21.10
C GLY B 478 33.18 9.45 21.03
N ASP B 479 34.09 8.52 21.34
CA ASP B 479 35.50 8.83 21.13
C ASP B 479 35.92 8.35 19.74
N LEU B 480 35.84 9.26 18.77
CA LEU B 480 36.13 9.00 17.36
C LEU B 480 37.61 8.65 17.05
N GLU B 481 38.56 9.33 17.71
CA GLU B 481 39.99 9.18 17.37
C GLU B 481 40.61 7.85 17.84
N THR B 482 40.33 7.46 19.08
CA THR B 482 40.78 6.17 19.59
C THR B 482 40.04 5.03 18.91
N ALA B 483 38.74 5.25 18.65
CA ALA B 483 37.89 4.26 17.98
C ALA B 483 38.40 3.91 16.59
N GLU B 484 39.07 4.88 15.96
CA GLU B 484 39.78 4.72 14.67
C GLU B 484 41.08 3.93 14.88
N LYS B 485 41.85 4.34 15.90
CA LYS B 485 43.02 3.57 16.29
C LYS B 485 42.59 2.10 16.37
N VAL B 486 41.64 1.83 17.28
CA VAL B 486 41.18 0.46 17.59
C VAL B 486 40.60 -0.20 16.34
N LEU B 487 40.10 0.63 15.43
CA LEU B 487 39.36 0.17 14.26
C LEU B 487 40.26 -0.49 13.23
N GLU B 488 41.31 0.24 12.86
CA GLU B 488 42.26 -0.25 11.88
C GLU B 488 43.12 -1.40 12.42
N LYS B 489 43.80 -1.18 13.55
CA LYS B 489 44.64 -2.23 14.12
C LYS B 489 43.85 -3.52 14.27
N GLU B 490 42.52 -3.41 14.28
CA GLU B 490 41.65 -4.60 14.33
C GLU B 490 41.12 -4.98 12.94
N LEU B 491 41.20 -4.06 12.00
CA LEU B 491 40.99 -4.51 10.62
C LEU B 491 42.26 -5.18 10.11
N LEU B 492 43.42 -4.61 10.46
CA LEU B 492 44.71 -5.21 10.19
C LEU B 492 44.69 -6.61 10.76
N ALA B 493 44.23 -6.74 12.01
CA ALA B 493 44.12 -8.02 12.66
C ALA B 493 43.24 -8.98 11.82
N TRP B 494 42.01 -8.54 11.53
CA TRP B 494 41.10 -9.33 10.71
C TRP B 494 41.66 -9.54 9.30
N GLN B 495 42.53 -8.61 8.86
CA GLN B 495 43.08 -8.63 7.50
C GLN B 495 43.87 -9.88 7.27
N GLU B 496 44.93 -10.03 8.06
CA GLU B 496 45.88 -11.13 7.93
C GLU B 496 45.20 -12.44 8.19
N LYS B 497 44.66 -12.60 9.41
CA LYS B 497 44.20 -13.92 9.81
C LYS B 497 43.64 -14.72 8.62
N LEU B 498 42.78 -14.12 7.84
CA LEU B 498 42.10 -14.95 6.87
C LEU B 498 42.38 -14.65 5.40
N HIS B 499 43.11 -13.58 5.14
CA HIS B 499 43.57 -13.29 3.78
C HIS B 499 42.41 -13.45 2.80
N GLN B 500 41.19 -13.24 3.31
CA GLN B 500 39.98 -13.23 2.47
C GLN B 500 39.38 -11.83 2.42
N PRO B 501 38.40 -11.59 1.53
CA PRO B 501 37.76 -10.29 1.37
C PRO B 501 36.78 -9.99 2.51
N ILE B 502 36.91 -8.79 3.06
CA ILE B 502 36.08 -8.38 4.19
C ILE B 502 35.15 -7.21 3.90
N ILE B 503 33.87 -7.52 4.12
CA ILE B 503 32.74 -6.63 3.92
C ILE B 503 32.12 -6.29 5.30
N ILE B 504 32.13 -5.01 5.66
CA ILE B 504 31.38 -4.58 6.82
C ILE B 504 29.90 -4.41 6.50
N THR B 505 29.08 -5.19 7.19
CA THR B 505 27.63 -5.28 6.86
C THR B 505 26.64 -4.40 7.68
N GLU B 506 27.02 -4.00 8.88
CA GLU B 506 26.21 -3.09 9.66
C GLU B 506 27.17 -2.07 10.25
N TYR B 507 27.38 -0.94 9.56
CA TYR B 507 28.06 0.15 10.22
C TYR B 507 27.12 1.35 10.32
N GLY B 508 27.04 1.89 11.54
CA GLY B 508 26.07 2.92 11.85
C GLY B 508 26.18 3.57 13.21
N VAL B 509 25.11 4.30 13.56
CA VAL B 509 25.00 5.04 14.81
C VAL B 509 23.49 5.17 15.05
N ASP B 510 23.08 5.65 16.21
CA ASP B 510 21.68 6.01 16.40
C ASP B 510 21.61 7.52 16.30
N THR B 511 20.84 8.05 15.36
CA THR B 511 20.61 9.52 15.34
C THR B 511 19.17 9.96 15.19
N LEU B 512 18.73 10.71 16.21
CA LEU B 512 17.43 11.35 16.26
C LEU B 512 17.35 12.33 15.10
N ALA B 513 16.38 12.10 14.22
CA ALA B 513 16.30 12.81 12.94
C ALA B 513 16.58 14.32 13.07
N GLY B 514 15.86 15.04 13.94
CA GLY B 514 15.95 16.51 13.98
C GLY B 514 16.97 17.18 14.90
N LEU B 515 17.94 16.41 15.39
CA LEU B 515 18.87 16.90 16.41
C LEU B 515 20.19 17.41 15.83
N HIS B 516 20.42 18.71 16.02
CA HIS B 516 21.69 19.32 15.68
C HIS B 516 22.40 19.76 16.98
N SER B 517 23.74 19.89 16.95
CA SER B 517 24.45 20.57 18.04
C SER B 517 25.84 20.88 17.65
N TYR B 519 28.96 20.97 19.59
CA TYR B 519 29.75 19.85 20.02
C TYR B 519 29.17 18.66 19.26
N THR B 520 29.93 18.03 18.38
CA THR B 520 29.33 16.92 17.66
C THR B 520 28.97 15.92 18.76
N ASP B 521 27.78 16.07 19.35
CA ASP B 521 27.35 15.22 20.47
C ASP B 521 26.95 13.86 19.94
N TRP B 523 24.06 11.21 19.11
CA TRP B 523 22.65 11.26 18.66
C TRP B 523 22.27 12.52 17.89
N SER B 524 23.26 13.28 17.42
CA SER B 524 23.01 14.45 16.58
C SER B 524 23.24 14.09 15.14
N GLU B 525 22.66 14.88 14.24
CA GLU B 525 22.86 14.75 12.79
C GLU B 525 24.34 14.83 12.39
N GLU B 526 25.05 15.74 13.05
CA GLU B 526 26.43 16.02 12.77
C GLU B 526 27.38 15.09 13.46
N TYR B 527 26.85 14.15 14.26
CA TYR B 527 27.69 13.10 14.82
C TYR B 527 27.73 11.96 13.82
N GLN B 528 26.55 11.46 13.46
CA GLN B 528 26.32 10.44 12.47
C GLN B 528 27.17 10.69 11.26
N CYS B 529 27.19 11.95 10.81
CA CYS B 529 28.02 12.45 9.70
C CYS B 529 29.53 12.39 9.95
N ALA B 530 29.95 12.82 11.14
CA ALA B 530 31.37 12.82 11.51
C ALA B 530 31.79 11.41 11.75
N TRP B 531 30.96 10.70 12.49
CA TRP B 531 31.18 9.33 12.85
C TRP B 531 31.30 8.48 11.61
N LEU B 532 30.38 8.69 10.66
CA LEU B 532 30.29 7.83 9.49
C LEU B 532 31.53 7.94 8.66
N ASP B 533 32.02 9.16 8.47
CA ASP B 533 33.23 9.37 7.69
C ASP B 533 34.55 9.12 8.47
N TYR B 535 34.81 6.19 10.04
CA TYR B 535 34.90 4.91 9.41
C TYR B 535 35.50 5.04 8.04
N HIS B 536 34.90 5.91 7.23
CA HIS B 536 35.28 6.02 5.85
C HIS B 536 36.80 6.03 5.58
N ARG B 537 37.52 6.79 6.40
CA ARG B 537 38.94 7.01 6.20
C ARG B 537 39.81 5.74 6.44
N VAL B 538 39.48 5.00 7.50
CA VAL B 538 40.14 3.76 7.81
C VAL B 538 39.60 2.66 6.91
N PHE B 539 38.47 2.91 6.29
CA PHE B 539 37.86 1.93 5.41
C PHE B 539 38.66 1.75 4.13
N ASP B 540 38.54 2.78 3.30
CA ASP B 540 39.13 2.76 1.99
C ASP B 540 40.66 2.79 2.15
N ARG B 541 41.12 2.90 3.41
CA ARG B 541 42.57 2.80 3.68
C ARG B 541 42.98 1.36 4.05
N VAL B 542 42.12 0.40 3.77
CA VAL B 542 42.50 -0.98 3.99
C VAL B 542 42.16 -1.85 2.76
N SER B 543 43.20 -2.20 2.00
CA SER B 543 43.13 -3.11 0.88
C SER B 543 42.03 -4.15 1.08
N ALA B 544 41.95 -4.68 2.29
CA ALA B 544 41.11 -5.84 2.59
C ALA B 544 39.63 -5.53 2.49
N VAL B 545 39.26 -4.34 2.94
CA VAL B 545 37.87 -3.93 2.88
C VAL B 545 37.44 -3.79 1.42
N VAL B 546 36.36 -4.47 1.08
CA VAL B 546 35.84 -4.45 -0.28
C VAL B 546 34.35 -4.04 -0.31
N GLY B 547 33.71 -4.21 0.84
CA GLY B 547 32.29 -3.87 0.98
C GLY B 547 32.06 -3.03 2.22
N GLU B 548 31.35 -1.92 1.99
CA GLU B 548 30.82 -1.01 3.01
C GLU B 548 29.32 -0.89 2.76
N GLN B 549 28.57 -1.17 3.80
CA GLN B 549 27.12 -1.11 3.74
C GLN B 549 26.62 -0.55 5.05
N VAL B 550 26.05 0.67 5.02
CA VAL B 550 25.63 1.39 6.24
C VAL B 550 24.53 0.62 6.87
N TRP B 551 24.44 0.59 8.19
CA TRP B 551 23.51 -0.39 8.71
C TRP B 551 22.05 -0.21 8.38
N ASN B 552 21.39 0.82 8.90
CA ASN B 552 20.06 0.96 8.41
C ASN B 552 19.77 2.07 7.49
N PHE B 553 18.95 1.70 6.52
CA PHE B 553 18.40 2.53 5.52
C PHE B 553 17.47 3.54 6.14
N ALA B 554 16.44 3.07 6.84
CA ALA B 554 15.48 3.95 7.50
C ALA B 554 15.32 3.54 8.93
N ASP B 555 14.85 4.44 9.77
CA ASP B 555 14.45 4.05 11.10
C ASP B 555 13.45 2.87 10.90
N PHE B 556 13.38 1.92 11.83
CA PHE B 556 12.50 0.75 11.71
C PHE B 556 12.11 0.36 13.13
N ALA B 557 10.99 -0.34 13.33
CA ALA B 557 10.51 -0.60 14.70
C ALA B 557 11.35 -1.67 15.38
N THR B 558 11.51 -1.60 16.70
CA THR B 558 12.35 -2.55 17.42
C THR B 558 11.60 -3.04 18.62
N SER B 559 12.05 -4.13 19.20
CA SER B 559 11.38 -4.66 20.36
C SER B 559 11.33 -3.62 21.46
N GLN B 560 10.71 -4.00 22.56
CA GLN B 560 10.39 -3.15 23.72
C GLN B 560 11.41 -2.11 24.31
N GLY B 561 12.67 -2.48 24.45
CA GLY B 561 13.51 -1.85 25.47
C GLY B 561 14.01 -0.42 25.35
N ILE B 562 14.73 -0.03 26.40
CA ILE B 562 15.41 1.27 26.53
C ILE B 562 16.31 1.60 25.34
N LEU B 563 17.54 1.03 25.32
CA LEU B 563 18.52 1.35 24.27
C LEU B 563 17.86 1.87 22.94
N ARG B 564 16.70 1.30 22.61
CA ARG B 564 15.92 1.62 21.37
C ARG B 564 14.66 2.53 21.57
N VAL B 565 14.69 3.71 20.90
CA VAL B 565 13.58 4.70 20.89
C VAL B 565 12.87 4.93 19.54
N GLY B 566 11.54 4.75 19.53
CA GLY B 566 10.74 4.74 18.28
C GLY B 566 11.50 4.02 17.17
N GLY B 567 11.59 2.70 17.28
CA GLY B 567 12.66 2.00 16.59
C GLY B 567 13.94 2.46 17.27
N ASN B 568 15.00 2.72 16.55
CA ASN B 568 16.10 3.25 17.31
C ASN B 568 16.79 4.41 16.59
N LYS B 569 16.18 4.89 15.52
CA LYS B 569 16.70 6.06 14.84
C LYS B 569 18.04 5.77 14.22
N LYS B 570 18.15 4.58 13.66
CA LYS B 570 19.42 4.11 13.18
C LYS B 570 19.48 4.15 11.69
N GLY B 571 18.54 4.85 11.08
CA GLY B 571 18.42 4.87 9.63
C GLY B 571 19.04 6.11 9.10
N ILE B 572 19.43 6.11 7.84
CA ILE B 572 19.88 7.34 7.22
C ILE B 572 18.65 8.19 6.88
N PHE B 573 17.60 7.48 6.48
CA PHE B 573 16.28 8.06 6.26
C PHE B 573 15.43 7.80 7.48
N THR B 574 14.33 8.50 7.62
CA THR B 574 13.43 8.18 8.71
C THR B 574 12.38 7.19 8.19
N ARG B 575 11.64 6.56 9.09
CA ARG B 575 10.65 5.58 8.72
C ARG B 575 9.79 6.07 7.52
N ASP B 576 9.47 7.36 7.47
CA ASP B 576 8.64 7.97 6.40
C ASP B 576 9.49 8.55 5.27
N ARG B 577 10.74 8.08 5.21
CA ARG B 577 11.69 8.34 4.15
C ARG B 577 12.22 9.74 4.06
N LYS B 578 12.00 10.55 5.08
CA LYS B 578 12.62 11.89 5.11
C LYS B 578 14.09 11.77 5.48
N PRO B 579 14.99 12.39 4.69
CA PRO B 579 16.42 12.11 4.76
C PRO B 579 17.18 12.87 5.83
N LYS B 580 18.02 12.16 6.61
CA LYS B 580 18.95 12.81 7.58
C LYS B 580 20.16 13.37 6.84
N SER B 581 20.84 14.37 7.40
CA SER B 581 22.08 14.90 6.80
C SER B 581 23.13 13.84 6.38
N ALA B 582 23.05 12.65 6.94
CA ALA B 582 23.92 11.55 6.54
C ALA B 582 23.65 11.06 5.13
N ALA B 583 22.44 11.26 4.63
CA ALA B 583 22.10 10.84 3.28
C ALA B 583 22.82 11.72 2.31
N PHE B 584 23.10 12.93 2.76
CA PHE B 584 23.83 13.88 1.95
C PHE B 584 25.34 13.61 1.85
N LEU B 585 25.99 13.10 2.92
CA LEU B 585 27.33 12.53 2.77
C LEU B 585 27.31 11.34 1.81
N LEU B 586 26.62 10.27 2.20
CA LEU B 586 26.73 9.01 1.48
C LEU B 586 26.25 9.12 0.05
N GLN B 587 25.90 10.31 -0.37
CA GLN B 587 25.56 10.49 -1.77
C GLN B 587 26.64 11.28 -2.53
N LYS B 588 27.37 12.15 -1.82
CA LYS B 588 28.59 12.74 -2.37
C LYS B 588 29.69 11.67 -2.44
N ARG B 589 30.09 11.13 -1.29
CA ARG B 589 31.06 10.05 -1.30
C ARG B 589 30.69 9.00 -2.31
N TRP B 590 29.48 8.45 -2.21
CA TRP B 590 29.11 7.25 -2.97
C TRP B 590 28.94 7.42 -4.48
N THR B 591 28.95 8.64 -4.98
CA THR B 591 28.80 8.85 -6.42
C THR B 591 30.02 9.54 -6.98
N GLY B 592 30.83 10.08 -6.07
CA GLY B 592 32.17 10.58 -6.40
C GLY B 592 33.20 9.46 -6.46
N ASN B 594 34.25 5.97 -8.84
CA ASN B 594 33.97 5.34 -10.14
C ASN B 594 33.12 4.10 -9.87
N PHE B 595 32.31 3.72 -10.86
CA PHE B 595 31.39 2.63 -10.60
C PHE B 595 32.11 1.40 -10.06
N GLY B 596 31.70 0.97 -8.87
CA GLY B 596 32.18 -0.28 -8.28
C GLY B 596 33.64 -0.38 -7.86
N GLU B 597 34.34 0.74 -7.77
CA GLU B 597 35.75 0.59 -7.49
C GLU B 597 36.14 1.43 -6.32
N LYS B 598 36.85 0.77 -5.41
CA LYS B 598 37.52 1.39 -4.28
C LYS B 598 38.02 2.79 -4.64
N PRO B 599 37.73 3.77 -3.76
CA PRO B 599 38.24 5.13 -3.98
C PRO B 599 39.78 5.14 -3.87
N GLN B 600 40.41 6.28 -4.15
CA GLN B 600 41.85 6.38 -3.91
C GLN B 600 42.10 6.28 -2.38
N GLN B 601 42.92 5.28 -2.00
CA GLN B 601 43.26 4.99 -0.60
C GLN B 601 44.16 6.08 -0.01
N GLY B 602 44.70 6.91 -0.92
CA GLY B 602 45.38 8.17 -0.58
C GLY B 602 45.35 9.11 -1.79
N GLY B 603 45.10 10.40 -1.54
CA GLY B 603 45.11 11.46 -2.57
C GLY B 603 46.31 12.40 -2.41
N LYS B 604 47.04 12.63 -3.50
CA LYS B 604 48.40 13.24 -3.47
C LYS B 604 48.64 14.42 -2.51
N GLN B 605 49.76 14.39 -1.79
CA GLN B 605 50.12 15.54 -0.94
C GLN B 605 51.61 15.89 -0.95
#